data_3P4X
#
_entry.id   3P4X
#
_cell.length_a   59.259
_cell.length_b   111.231
_cell.length_c   129.726
_cell.angle_alpha   90.00
_cell.angle_beta   90.00
_cell.angle_gamma   90.00
#
_symmetry.space_group_name_H-M   'P 21 21 21'
#
loop_
_entity.id
_entity.type
_entity.pdbx_description
1 polymer 'reverse gyrase helicase-like domain'
2 non-polymer 'MAGNESIUM ION'
3 non-polymer "ADENOSINE-5'-DIPHOSPHATE"
4 non-polymer 'CHLORIDE ION'
5 water water
#
_entity_poly.entity_id   1
_entity_poly.type   'polypeptide(L)'
_entity_poly.pdbx_seq_one_letter_code
;EFWNEYEDFRSFFKKKFGKDLTGYQRLWAKRIVQGKSFTMVAPTGVGKTTFGMMTALWLARKGKKSALVFPTVTLVKQTL
ERLQKLADEKVKIFGFYSSMKKEEKEKFEKSFEEDDYHILVFSTQFVSKNREKLSQKRFDFVFVDDVDAVLKASRNIDTL
LMMVGIPEEIIRKAFSTIKQGKIYERPKNLKPGILVVSSATAKPRGIRPLLFRDLLNFTVGRLVSVARNITHVRISSRSK
EKLVELLEIFRDGILIFAQTEEEGKELYEYLKRFKFNVGETWSEFEKNFEDFKVGKINILIGVQAYYGKLTRGVDLPERI
KYVIFWGTPSGPDVYTYIQASGRSSRILNGVLVKGVSVIFEEDEEIFESLKTRLLLIAEEEIIEEAEANWKELVHEVEES
RRRSERELTDTSR
;
_entity_poly.pdbx_strand_id   A,B
#
loop_
_chem_comp.id
_chem_comp.type
_chem_comp.name
_chem_comp.formula
ADP non-polymer ADENOSINE-5'-DIPHOSPHATE 'C10 H15 N5 O10 P2'
CL non-polymer 'CHLORIDE ION' 'Cl -1'
MG non-polymer 'MAGNESIUM ION' 'Mg 2'
#
# COMPACT_ATOMS: atom_id res chain seq x y z
N GLU A 1 4.82 11.08 25.09
CA GLU A 1 4.08 9.83 24.95
C GLU A 1 4.84 8.81 24.11
N PHE A 2 5.14 9.15 22.87
CA PHE A 2 5.76 8.20 21.95
C PHE A 2 7.20 8.57 21.67
N TRP A 3 7.46 9.86 21.51
CA TRP A 3 8.81 10.32 21.28
C TRP A 3 9.69 10.09 22.51
N ASN A 4 9.10 10.19 23.69
CA ASN A 4 9.86 10.02 24.92
C ASN A 4 10.41 8.62 25.03
N GLU A 5 9.56 7.64 24.75
CA GLU A 5 9.96 6.24 24.75
C GLU A 5 11.12 5.99 23.79
N TYR A 6 10.96 6.45 22.56
CA TYR A 6 12.01 6.31 21.56
C TYR A 6 13.34 6.81 22.09
N GLU A 7 13.33 8.00 22.67
CA GLU A 7 14.56 8.60 23.19
C GLU A 7 15.14 7.82 24.37
N ASP A 8 14.29 7.40 25.29
CA ASP A 8 14.74 6.51 26.35
C ASP A 8 15.54 5.37 25.75
N PHE A 9 15.01 4.77 24.68
CA PHE A 9 15.71 3.69 23.99
C PHE A 9 17.01 4.19 23.37
N ARG A 10 16.90 5.31 22.66
CA ARG A 10 18.02 5.99 22.03
C ARG A 10 19.18 6.15 23.00
N SER A 11 18.90 6.76 24.16
CA SER A 11 19.90 6.95 25.21
C SER A 11 20.47 5.63 25.69
N PHE A 12 19.58 4.69 26.00
CA PHE A 12 19.96 3.38 26.52
C PHE A 12 20.96 2.68 25.59
N PHE A 13 20.64 2.68 24.30
CA PHE A 13 21.49 2.07 23.30
C PHE A 13 22.89 2.72 23.30
N LYS A 14 22.91 4.03 23.07
CA LYS A 14 24.14 4.79 23.13
C LYS A 14 25.01 4.36 24.30
N LYS A 15 24.43 4.42 25.49
CA LYS A 15 25.12 4.09 26.74
C LYS A 15 25.67 2.66 26.79
N LYS A 16 24.81 1.67 26.59
CA LYS A 16 25.20 0.26 26.71
C LYS A 16 26.15 -0.17 25.60
N PHE A 17 25.83 0.21 24.38
CA PHE A 17 26.62 -0.26 23.26
C PHE A 17 27.96 0.47 23.14
N GLY A 18 27.93 1.77 23.34
CA GLY A 18 29.14 2.56 23.21
C GLY A 18 29.13 3.50 22.02
N LYS A 19 28.14 3.35 21.14
CA LYS A 19 28.01 4.22 19.96
C LYS A 19 26.57 4.67 19.72
N ASP A 20 26.38 5.46 18.65
CA ASP A 20 25.05 5.91 18.25
C ASP A 20 24.25 4.85 17.51
N LEU A 21 22.97 5.11 17.31
CA LEU A 21 22.13 4.26 16.45
C LEU A 21 22.44 4.63 15.01
N THR A 22 22.51 3.64 14.12
CA THR A 22 22.62 3.93 12.69
C THR A 22 21.29 4.36 12.11
N GLY A 23 21.33 4.89 10.90
CA GLY A 23 20.13 5.30 10.21
C GLY A 23 19.13 4.16 10.30
N TYR A 24 19.58 2.95 9.97
CA TYR A 24 18.69 1.81 9.97
C TYR A 24 18.16 1.48 11.38
N GLN A 25 19.06 1.42 12.36
CA GLN A 25 18.68 1.12 13.74
C GLN A 25 17.73 2.16 14.35
N ARG A 26 17.70 3.36 13.77
CA ARG A 26 16.84 4.41 14.28
C ARG A 26 15.41 4.21 13.78
N LEU A 27 15.31 3.86 12.50
CA LEU A 27 14.03 3.57 11.86
C LEU A 27 13.35 2.39 12.56
N TRP A 28 14.13 1.35 12.81
CA TRP A 28 13.70 0.14 13.49
C TRP A 28 13.23 0.38 14.91
N ALA A 29 13.98 1.20 15.64
CA ALA A 29 13.71 1.47 17.05
C ALA A 29 12.37 2.17 17.27
N LYS A 30 12.04 3.10 16.38
CA LYS A 30 10.75 3.78 16.40
C LYS A 30 9.62 2.76 16.25
N ARG A 31 9.80 1.84 15.30
CA ARG A 31 8.83 0.77 15.08
C ARG A 31 8.59 0.02 16.38
N ILE A 32 9.68 -0.42 16.98
CA ILE A 32 9.62 -1.26 18.16
C ILE A 32 9.00 -0.52 19.34
N VAL A 33 9.03 0.81 19.27
CA VAL A 33 8.35 1.66 20.26
C VAL A 33 6.82 1.68 20.05
N GLN A 34 6.38 1.71 18.79
CA GLN A 34 4.96 1.59 18.49
C GLN A 34 4.57 0.12 18.44
N GLY A 35 5.42 -0.73 19.00
CA GLY A 35 5.16 -2.16 19.05
C GLY A 35 4.85 -2.78 17.70
N LYS A 36 5.58 -2.38 16.67
CA LYS A 36 5.35 -2.92 15.33
C LYS A 36 6.28 -4.08 15.01
N SER A 37 5.75 -5.08 14.33
CA SER A 37 6.55 -6.20 13.88
C SER A 37 7.07 -5.84 12.50
N PHE A 38 8.29 -6.25 12.19
CA PHE A 38 8.78 -5.96 10.86
C PHE A 38 9.78 -6.94 10.30
N THR A 39 10.09 -6.74 9.02
CA THR A 39 11.11 -7.49 8.33
C THR A 39 12.29 -6.59 8.08
N MET A 40 13.44 -7.01 8.58
CA MET A 40 14.69 -6.31 8.34
C MET A 40 15.23 -6.65 6.98
N VAL A 41 15.18 -5.68 6.09
CA VAL A 41 15.89 -5.80 4.83
C VAL A 41 16.98 -4.74 4.79
N ALA A 42 18.20 -5.21 4.58
CA ALA A 42 19.37 -4.35 4.63
C ALA A 42 20.57 -5.20 4.29
N PRO A 43 21.57 -4.60 3.63
CA PRO A 43 22.81 -5.33 3.34
C PRO A 43 23.52 -5.71 4.64
N THR A 44 24.39 -6.72 4.60
CA THR A 44 25.00 -7.26 5.81
C THR A 44 26.15 -6.41 6.35
N GLY A 45 25.89 -5.72 7.46
CA GLY A 45 26.86 -4.85 8.09
C GLY A 45 26.16 -3.68 8.74
N VAL A 46 24.95 -3.42 8.28
CA VAL A 46 24.11 -2.33 8.76
C VAL A 46 23.88 -2.25 10.29
N GLY A 47 23.76 -3.39 10.97
CA GLY A 47 23.52 -3.41 12.41
C GLY A 47 22.28 -4.18 12.89
N LYS A 48 21.88 -5.20 12.13
CA LYS A 48 20.69 -5.98 12.45
C LYS A 48 20.80 -6.80 13.74
N THR A 49 21.77 -7.71 13.80
CA THR A 49 21.92 -8.56 14.99
C THR A 49 22.13 -7.72 16.25
N THR A 50 22.93 -6.68 16.14
CA THR A 50 23.31 -5.93 17.33
C THR A 50 22.08 -5.28 17.89
N PHE A 51 21.25 -4.78 16.98
CA PHE A 51 19.96 -4.18 17.30
C PHE A 51 18.98 -5.14 17.98
N GLY A 52 18.90 -6.37 17.46
CA GLY A 52 18.00 -7.39 17.99
C GLY A 52 18.39 -7.72 19.41
N MET A 53 19.69 -7.75 19.64
CA MET A 53 20.24 -8.01 20.97
C MET A 53 19.98 -6.86 21.98
N MET A 54 20.20 -5.64 21.53
CA MET A 54 19.99 -4.46 22.35
C MET A 54 18.50 -4.24 22.68
N THR A 55 17.65 -4.50 21.69
CA THR A 55 16.21 -4.52 21.92
C THR A 55 15.86 -5.46 23.06
N ALA A 56 16.26 -6.72 22.95
CA ALA A 56 16.05 -7.68 24.04
C ALA A 56 16.43 -7.08 25.39
N LEU A 57 17.61 -6.49 25.44
CA LEU A 57 18.14 -5.92 26.68
C LEU A 57 17.26 -4.85 27.26
N TRP A 58 16.90 -3.89 26.42
CA TRP A 58 16.03 -2.81 26.82
C TRP A 58 14.68 -3.32 27.34
N LEU A 59 14.06 -4.26 26.60
CA LEU A 59 12.77 -4.83 27.02
C LEU A 59 12.87 -5.60 28.33
N ALA A 60 14.02 -6.21 28.59
CA ALA A 60 14.25 -6.89 29.86
C ALA A 60 14.26 -5.90 31.03
N ARG A 61 14.39 -4.61 30.73
CA ARG A 61 14.32 -3.58 31.77
C ARG A 61 12.90 -3.48 32.27
N LYS A 62 11.96 -3.51 31.33
CA LYS A 62 10.54 -3.54 31.63
C LYS A 62 10.08 -4.94 32.07
N GLY A 63 11.02 -5.86 32.25
CA GLY A 63 10.70 -7.20 32.71
C GLY A 63 10.12 -8.06 31.61
N LYS A 64 10.13 -7.53 30.40
CA LYS A 64 9.62 -8.25 29.24
C LYS A 64 10.59 -9.30 28.74
N LYS A 65 10.05 -10.39 28.22
CA LYS A 65 10.84 -11.54 27.85
C LYS A 65 11.11 -11.55 26.35
N SER A 66 12.31 -12.02 25.94
CA SER A 66 12.69 -12.10 24.54
C SER A 66 13.28 -13.47 24.25
N ALA A 67 13.26 -13.82 22.96
CA ALA A 67 13.91 -15.03 22.46
C ALA A 67 14.67 -14.63 21.19
N LEU A 68 15.96 -14.96 21.12
CA LEU A 68 16.74 -14.67 19.93
C LEU A 68 17.21 -15.95 19.23
N VAL A 69 16.96 -15.99 17.93
CA VAL A 69 17.06 -17.22 17.14
C VAL A 69 17.98 -17.10 15.92
N PHE A 70 19.08 -17.84 15.96
CA PHE A 70 20.13 -17.80 14.92
C PHE A 70 20.27 -19.12 14.17
N PRO A 71 20.75 -19.05 12.92
CA PRO A 71 20.88 -20.22 12.04
C PRO A 71 22.02 -21.16 12.38
N THR A 72 22.97 -20.68 13.20
CA THR A 72 24.22 -21.41 13.47
C THR A 72 24.60 -21.39 14.96
N VAL A 73 25.35 -22.41 15.37
CA VAL A 73 25.84 -22.50 16.75
C VAL A 73 26.79 -21.37 17.15
N THR A 74 27.53 -20.84 16.18
CA THR A 74 28.52 -19.81 16.48
C THR A 74 27.80 -18.52 16.89
N LEU A 75 26.77 -18.17 16.13
CA LEU A 75 25.97 -17.00 16.46
C LEU A 75 25.27 -17.12 17.83
N VAL A 76 25.04 -18.34 18.27
CA VAL A 76 24.35 -18.50 19.53
C VAL A 76 25.32 -18.22 20.64
N LYS A 77 26.53 -18.80 20.51
CA LYS A 77 27.65 -18.53 21.41
C LYS A 77 28.01 -17.05 21.41
N GLN A 78 28.36 -16.51 20.25
CA GLN A 78 28.69 -15.10 20.12
C GLN A 78 27.70 -14.17 20.79
N THR A 79 26.44 -14.26 20.40
CA THR A 79 25.40 -13.40 20.98
C THR A 79 25.27 -13.63 22.48
N LEU A 80 25.24 -14.89 22.91
CA LEU A 80 25.22 -15.21 24.33
C LEU A 80 26.37 -14.50 25.07
N GLU A 81 27.58 -14.62 24.54
CA GLU A 81 28.74 -13.98 25.14
C GLU A 81 28.52 -12.48 25.32
N ARG A 82 28.41 -11.76 24.21
CA ARG A 82 28.12 -10.34 24.22
C ARG A 82 27.06 -9.98 25.25
N LEU A 83 25.96 -10.74 25.24
CA LEU A 83 24.81 -10.42 26.10
C LEU A 83 25.16 -10.45 27.58
N GLN A 84 26.09 -11.33 27.96
CA GLN A 84 26.35 -11.52 29.39
C GLN A 84 27.39 -10.54 29.92
N LYS A 85 28.19 -9.99 29.02
CA LYS A 85 29.12 -8.93 29.35
C LYS A 85 28.38 -7.59 29.44
N LEU A 86 27.30 -7.47 28.69
CA LEU A 86 26.56 -6.21 28.56
C LEU A 86 25.45 -6.06 29.59
N ALA A 87 25.03 -7.14 30.20
CA ALA A 87 23.81 -7.09 31.02
C ALA A 87 24.08 -6.66 32.46
N ASP A 88 23.10 -5.99 33.07
CA ASP A 88 23.12 -5.82 34.51
C ASP A 88 22.89 -7.22 35.08
N GLU A 89 23.78 -7.65 35.97
CA GLU A 89 23.73 -9.01 36.52
C GLU A 89 22.34 -9.47 36.90
N LYS A 90 21.44 -8.52 37.10
CA LYS A 90 20.06 -8.83 37.47
C LYS A 90 19.27 -9.49 36.33
N VAL A 91 19.74 -9.31 35.10
CA VAL A 91 19.07 -9.84 33.91
C VAL A 91 19.36 -11.33 33.68
N LYS A 92 18.28 -12.13 33.65
CA LYS A 92 18.38 -13.58 33.47
C LYS A 92 18.45 -14.00 31.99
N ILE A 93 19.65 -14.36 31.54
CA ILE A 93 19.93 -14.69 30.15
C ILE A 93 20.47 -16.10 29.98
N PHE A 94 19.68 -16.99 29.37
CA PHE A 94 20.12 -18.36 29.11
C PHE A 94 20.13 -18.70 27.62
N GLY A 95 21.13 -19.49 27.20
CA GLY A 95 21.26 -19.95 25.83
C GLY A 95 21.35 -21.47 25.75
N PHE A 96 21.22 -22.03 24.55
CA PHE A 96 21.25 -23.48 24.37
C PHE A 96 21.80 -23.84 23.00
N TYR A 97 22.66 -24.86 22.98
CA TYR A 97 23.15 -25.44 21.72
C TYR A 97 23.65 -26.85 21.99
N SER A 98 23.47 -27.74 21.02
CA SER A 98 23.82 -29.15 21.19
C SER A 98 25.18 -29.44 21.84
N SER A 99 26.21 -28.70 21.44
CA SER A 99 27.55 -28.95 21.93
C SER A 99 27.84 -28.25 23.26
N MET A 100 26.82 -28.12 24.10
CA MET A 100 26.93 -27.36 25.32
C MET A 100 27.33 -28.24 26.50
N LYS A 101 27.80 -27.62 27.57
CA LYS A 101 28.13 -28.34 28.78
C LYS A 101 26.85 -28.84 29.45
N LYS A 102 26.83 -30.13 29.79
CA LYS A 102 25.68 -30.73 30.48
C LYS A 102 25.18 -29.87 31.63
N GLU A 103 26.09 -29.21 32.34
CA GLU A 103 25.73 -28.36 33.47
C GLU A 103 25.01 -27.10 33.00
N GLU A 104 25.48 -26.55 31.87
CA GLU A 104 24.92 -25.33 31.32
C GLU A 104 23.55 -25.57 30.69
N LYS A 105 23.40 -26.72 30.06
CA LYS A 105 22.13 -27.15 29.52
C LYS A 105 21.06 -27.19 30.60
N GLU A 106 21.28 -28.01 31.63
CA GLU A 106 20.32 -28.19 32.69
C GLU A 106 19.94 -26.83 33.27
N LYS A 107 20.91 -25.92 33.28
CA LYS A 107 20.67 -24.57 33.78
C LYS A 107 19.63 -23.88 32.90
N PHE A 108 19.85 -23.94 31.59
CA PHE A 108 18.88 -23.47 30.63
C PHE A 108 17.54 -24.16 30.87
N GLU A 109 17.55 -25.49 30.74
CA GLU A 109 16.35 -26.30 30.82
C GLU A 109 15.52 -26.03 32.08
N LYS A 110 16.21 -25.83 33.20
CA LYS A 110 15.58 -25.53 34.49
C LYS A 110 14.85 -24.19 34.44
N SER A 111 15.59 -23.17 34.00
CA SER A 111 15.04 -21.82 33.87
C SER A 111 13.92 -21.77 32.81
N PHE A 112 14.06 -22.59 31.77
CA PHE A 112 13.09 -22.61 30.70
C PHE A 112 11.73 -23.12 31.14
N GLU A 113 11.71 -24.05 32.09
CA GLU A 113 10.45 -24.63 32.55
C GLU A 113 9.86 -23.82 33.70
N GLU A 114 10.71 -23.16 34.46
CA GLU A 114 10.25 -22.34 35.58
C GLU A 114 9.86 -20.95 35.11
N ASP A 115 10.11 -20.66 33.83
CA ASP A 115 9.82 -19.33 33.28
C ASP A 115 10.58 -18.27 34.02
N ASP A 116 11.69 -18.67 34.62
CA ASP A 116 12.58 -17.77 35.33
C ASP A 116 13.65 -17.32 34.35
N TYR A 117 13.31 -16.44 33.41
CA TYR A 117 14.25 -15.95 32.40
C TYR A 117 13.76 -14.64 31.80
N HIS A 118 14.69 -13.88 31.23
CA HIS A 118 14.32 -12.68 30.51
C HIS A 118 14.62 -12.81 29.03
N ILE A 119 15.79 -13.37 28.73
CA ILE A 119 16.27 -13.49 27.37
C ILE A 119 16.78 -14.89 27.15
N LEU A 120 16.26 -15.54 26.11
CA LEU A 120 16.74 -16.84 25.71
C LEU A 120 17.34 -16.72 24.33
N VAL A 121 18.32 -17.57 24.06
CA VAL A 121 19.08 -17.50 22.83
C VAL A 121 19.27 -18.92 22.36
N PHE A 122 18.85 -19.22 21.13
CA PHE A 122 19.06 -20.56 20.62
C PHE A 122 19.02 -20.59 19.10
N SER A 123 19.20 -21.78 18.55
CA SER A 123 19.30 -21.96 17.10
C SER A 123 17.98 -22.45 16.52
N THR A 124 17.92 -22.48 15.19
CA THR A 124 16.75 -22.94 14.45
C THR A 124 16.49 -24.42 14.68
N GLN A 125 17.52 -25.15 15.09
CA GLN A 125 17.38 -26.56 15.38
C GLN A 125 16.66 -26.79 16.71
N PHE A 126 16.90 -25.89 17.66
CA PHE A 126 16.21 -25.96 18.95
C PHE A 126 14.71 -25.77 18.75
N VAL A 127 14.39 -24.84 17.85
CA VAL A 127 13.01 -24.54 17.52
C VAL A 127 12.34 -25.76 16.87
N SER A 128 13.08 -26.46 16.01
CA SER A 128 12.59 -27.67 15.37
C SER A 128 12.28 -28.78 16.36
N LYS A 129 13.08 -28.86 17.42
CA LYS A 129 13.02 -30.00 18.32
C LYS A 129 12.22 -29.72 19.58
N ASN A 130 11.67 -28.50 19.71
CA ASN A 130 10.99 -28.12 20.94
C ASN A 130 9.72 -27.36 20.63
N ARG A 131 9.10 -27.79 19.54
CA ARG A 131 7.86 -27.24 19.05
C ARG A 131 6.78 -27.25 20.14
N GLU A 132 6.72 -28.32 20.93
CA GLU A 132 5.71 -28.43 21.99
C GLU A 132 5.92 -27.44 23.14
N LYS A 133 7.10 -27.51 23.77
CA LYS A 133 7.47 -26.64 24.88
C LYS A 133 7.41 -25.16 24.52
N LEU A 134 7.91 -24.85 23.32
CA LEU A 134 7.95 -23.47 22.82
C LEU A 134 6.56 -22.89 22.60
N SER A 135 5.71 -23.67 21.93
CA SER A 135 4.33 -23.29 21.68
C SER A 135 3.54 -22.92 22.94
N GLN A 136 4.07 -23.20 24.11
CA GLN A 136 3.35 -22.89 25.34
C GLN A 136 3.85 -21.59 26.00
N LYS A 137 4.81 -20.93 25.35
CA LYS A 137 5.40 -19.69 25.85
C LYS A 137 4.85 -18.50 25.10
N ARG A 138 4.65 -17.40 25.81
CA ARG A 138 4.41 -16.12 25.16
C ARG A 138 5.62 -15.22 25.35
N PHE A 139 6.30 -14.87 24.26
CA PHE A 139 7.41 -13.91 24.32
C PHE A 139 6.96 -12.51 23.90
N ASP A 140 7.55 -11.48 24.52
CA ASP A 140 7.22 -10.10 24.17
C ASP A 140 7.99 -9.69 22.93
N PHE A 141 9.04 -10.45 22.64
CA PHE A 141 9.88 -10.15 21.50
C PHE A 141 10.58 -11.41 21.04
N VAL A 142 10.49 -11.64 19.72
CA VAL A 142 11.19 -12.75 19.08
C VAL A 142 11.91 -12.24 17.83
N PHE A 143 13.24 -12.38 17.84
CA PHE A 143 14.09 -11.92 16.74
C PHE A 143 14.66 -13.13 16.05
N VAL A 144 14.48 -13.21 14.74
CA VAL A 144 14.98 -14.36 13.99
C VAL A 144 16.03 -13.86 13.02
N ASP A 145 17.26 -14.35 13.15
CA ASP A 145 18.41 -13.78 12.45
C ASP A 145 18.36 -14.00 10.95
N ASP A 146 18.25 -15.24 10.52
CA ASP A 146 18.17 -15.51 9.11
C ASP A 146 16.95 -16.36 8.86
N VAL A 147 15.90 -15.72 8.37
CA VAL A 147 14.60 -16.39 8.34
C VAL A 147 14.48 -17.44 7.24
N ASP A 148 15.26 -17.31 6.18
CA ASP A 148 15.22 -18.25 5.08
C ASP A 148 15.57 -19.67 5.53
N ALA A 149 16.45 -19.78 6.53
CA ALA A 149 16.80 -21.08 7.08
C ALA A 149 15.62 -21.79 7.74
N VAL A 150 14.88 -21.06 8.57
CA VAL A 150 13.80 -21.64 9.37
C VAL A 150 12.43 -21.60 8.68
N LEU A 151 12.34 -20.82 7.60
CA LEU A 151 11.14 -20.75 6.79
C LEU A 151 10.97 -22.08 6.04
N LYS A 152 12.06 -22.84 5.98
CA LYS A 152 12.03 -24.12 5.29
C LYS A 152 10.91 -25.03 5.77
N ALA A 153 10.66 -25.05 7.08
CA ALA A 153 9.58 -25.84 7.65
C ALA A 153 8.39 -24.95 7.99
N SER A 154 7.24 -25.25 7.41
CA SER A 154 6.02 -24.51 7.74
C SER A 154 5.71 -24.73 9.23
N ARG A 155 6.09 -25.91 9.71
CA ARG A 155 5.95 -26.25 11.12
C ARG A 155 6.65 -25.24 12.00
N ASN A 156 7.78 -24.71 11.54
CA ASN A 156 8.54 -23.77 12.35
C ASN A 156 8.00 -22.34 12.33
N ILE A 157 7.49 -21.92 11.18
CA ILE A 157 6.76 -20.68 11.08
C ILE A 157 5.66 -20.65 12.15
N ASP A 158 4.92 -21.75 12.25
CA ASP A 158 3.82 -21.83 13.22
C ASP A 158 4.32 -21.60 14.64
N THR A 159 5.36 -22.34 14.98
CA THR A 159 5.96 -22.24 16.30
C THR A 159 6.35 -20.79 16.65
N LEU A 160 6.99 -20.14 15.68
CA LEU A 160 7.40 -18.76 15.89
C LEU A 160 6.19 -17.91 16.21
N LEU A 161 5.16 -17.98 15.37
CA LEU A 161 3.92 -17.26 15.59
C LEU A 161 3.32 -17.62 16.95
N MET A 162 3.40 -18.88 17.32
CA MET A 162 2.91 -19.25 18.64
C MET A 162 3.78 -18.60 19.74
N MET A 163 5.11 -18.61 19.57
CA MET A 163 5.99 -18.00 20.59
C MET A 163 5.69 -16.53 20.85
N VAL A 164 4.99 -15.86 19.93
CA VAL A 164 4.56 -14.46 20.19
C VAL A 164 3.12 -14.30 20.67
N GLY A 165 2.50 -15.39 21.08
CA GLY A 165 1.21 -15.28 21.74
C GLY A 165 0.01 -15.53 20.86
N ILE A 166 0.24 -16.06 19.66
CA ILE A 166 -0.84 -16.36 18.74
C ILE A 166 -1.22 -17.85 18.78
N PRO A 167 -2.44 -18.13 19.24
CA PRO A 167 -2.99 -19.47 19.43
C PRO A 167 -3.07 -20.20 18.09
N GLU A 168 -2.79 -21.51 18.09
CA GLU A 168 -2.88 -22.32 16.90
C GLU A 168 -4.22 -22.16 16.16
N GLU A 169 -5.32 -22.11 16.88
CA GLU A 169 -6.62 -22.02 16.21
C GLU A 169 -6.67 -20.81 15.31
N ILE A 170 -5.98 -19.75 15.71
CA ILE A 170 -6.01 -18.53 14.92
C ILE A 170 -5.11 -18.63 13.69
N ILE A 171 -3.95 -19.25 13.87
CA ILE A 171 -3.10 -19.56 12.74
C ILE A 171 -3.81 -20.46 11.74
N ARG A 172 -4.50 -21.49 12.22
CA ARG A 172 -5.27 -22.34 11.32
C ARG A 172 -6.37 -21.57 10.58
N LYS A 173 -7.14 -20.76 11.30
CA LYS A 173 -8.15 -19.95 10.65
C LYS A 173 -7.63 -18.88 9.69
N ALA A 174 -6.42 -18.36 9.94
CA ALA A 174 -5.84 -17.37 9.05
C ALA A 174 -5.35 -18.01 7.77
N PHE A 175 -4.54 -19.06 7.94
CA PHE A 175 -4.03 -19.85 6.82
C PHE A 175 -5.17 -20.30 5.93
N SER A 176 -6.24 -20.80 6.53
CA SER A 176 -7.37 -21.33 5.78
C SER A 176 -7.99 -20.22 4.93
N THR A 177 -8.28 -19.10 5.57
CA THR A 177 -8.83 -17.93 4.90
C THR A 177 -7.95 -17.47 3.72
N ILE A 178 -6.64 -17.39 3.94
CA ILE A 178 -5.68 -17.09 2.87
C ILE A 178 -5.67 -18.18 1.77
N LYS A 179 -5.94 -19.42 2.17
CA LYS A 179 -6.07 -20.52 1.22
C LYS A 179 -7.19 -20.22 0.24
N GLN A 180 -8.30 -19.70 0.76
CA GLN A 180 -9.50 -19.40 -0.03
C GLN A 180 -9.41 -18.05 -0.74
N GLY A 181 -8.22 -17.46 -0.70
CA GLY A 181 -7.97 -16.16 -1.30
C GLY A 181 -8.83 -15.02 -0.77
N LYS A 182 -9.22 -15.09 0.50
CA LYS A 182 -10.05 -14.04 1.12
C LYS A 182 -9.19 -13.20 2.03
N ILE A 183 -9.80 -12.20 2.70
CA ILE A 183 -9.09 -11.41 3.69
C ILE A 183 -9.26 -11.98 5.10
N TYR A 184 -8.13 -12.08 5.82
CA TYR A 184 -8.19 -12.36 7.24
C TYR A 184 -7.98 -11.05 7.94
N GLU A 185 -8.66 -10.87 9.07
CA GLU A 185 -8.37 -9.78 9.97
C GLU A 185 -8.09 -10.35 11.34
N ARG A 186 -6.91 -10.06 11.87
CA ARG A 186 -6.58 -10.55 13.19
C ARG A 186 -7.55 -9.94 14.21
N PRO A 187 -7.89 -10.70 15.25
CA PRO A 187 -8.75 -10.16 16.29
C PRO A 187 -8.00 -9.06 17.04
N LYS A 188 -8.54 -7.86 17.11
CA LYS A 188 -7.78 -6.76 17.68
C LYS A 188 -7.69 -6.78 19.22
N ASN A 189 -8.41 -7.70 19.86
CA ASN A 189 -8.33 -7.79 21.32
C ASN A 189 -7.13 -8.64 21.77
N LEU A 190 -6.53 -9.34 20.82
CA LEU A 190 -5.35 -10.15 21.10
C LEU A 190 -4.11 -9.26 20.93
N LYS A 191 -3.26 -9.25 21.94
CA LYS A 191 -2.12 -8.35 21.92
C LYS A 191 -0.83 -9.17 21.94
N PRO A 192 -0.44 -9.72 20.77
CA PRO A 192 0.71 -10.61 20.60
C PRO A 192 2.05 -9.88 20.76
N GLY A 193 3.14 -10.63 20.81
CA GLY A 193 4.45 -10.03 20.94
C GLY A 193 4.93 -9.44 19.64
N ILE A 194 6.15 -8.91 19.67
CA ILE A 194 6.77 -8.36 18.47
C ILE A 194 7.59 -9.47 17.80
N LEU A 195 7.45 -9.59 16.48
CA LEU A 195 8.24 -10.52 15.69
C LEU A 195 9.01 -9.75 14.64
N VAL A 196 10.33 -9.88 14.66
CA VAL A 196 11.23 -9.20 13.73
C VAL A 196 12.09 -10.27 13.09
N VAL A 197 12.13 -10.31 11.78
CA VAL A 197 12.93 -11.30 11.06
C VAL A 197 13.89 -10.59 10.12
N SER A 198 15.09 -11.14 9.98
CA SER A 198 16.04 -10.57 9.06
C SER A 198 16.02 -11.40 7.79
N SER A 199 15.79 -10.74 6.67
CA SER A 199 15.83 -11.43 5.38
C SER A 199 17.07 -10.96 4.63
N ALA A 200 17.92 -11.91 4.26
CA ALA A 200 19.17 -11.60 3.57
C ALA A 200 18.93 -11.15 2.13
N THR A 201 17.86 -11.64 1.51
CA THR A 201 17.62 -11.37 0.10
C THR A 201 16.22 -10.81 -0.20
N ALA A 202 15.45 -10.52 0.84
CA ALA A 202 14.07 -10.13 0.65
C ALA A 202 13.36 -11.20 -0.17
N LYS A 203 13.55 -12.46 0.23
CA LYS A 203 13.09 -13.62 -0.54
C LYS A 203 11.64 -13.53 -1.05
N PRO A 204 11.40 -14.07 -2.26
CA PRO A 204 10.12 -14.05 -3.00
C PRO A 204 8.87 -14.67 -2.34
N ARG A 205 8.91 -15.88 -1.80
CA ARG A 205 7.68 -16.64 -1.57
C ARG A 205 6.59 -15.84 -0.90
N GLY A 206 5.37 -16.03 -1.39
CA GLY A 206 4.25 -15.17 -1.09
C GLY A 206 3.54 -15.42 0.22
N ILE A 207 3.57 -16.66 0.71
CA ILE A 207 2.72 -17.02 1.85
C ILE A 207 3.19 -16.51 3.23
N ARG A 208 4.45 -16.73 3.57
CA ARG A 208 4.95 -16.25 4.86
C ARG A 208 4.61 -14.76 5.10
N PRO A 209 4.90 -13.91 4.10
CA PRO A 209 4.63 -12.48 4.32
C PRO A 209 3.15 -12.20 4.57
N LEU A 210 2.28 -12.97 3.92
CA LEU A 210 0.83 -12.79 4.05
C LEU A 210 0.37 -13.21 5.43
N LEU A 211 0.70 -14.44 5.81
CA LEU A 211 0.47 -14.92 7.16
C LEU A 211 0.92 -13.88 8.19
N PHE A 212 2.13 -13.37 8.00
CA PHE A 212 2.70 -12.40 8.93
C PHE A 212 1.93 -11.09 8.98
N ARG A 213 1.60 -10.53 7.82
CA ARG A 213 0.97 -9.22 7.76
C ARG A 213 -0.45 -9.32 8.27
N ASP A 214 -1.00 -10.53 8.22
CA ASP A 214 -2.36 -10.75 8.68
C ASP A 214 -2.41 -10.92 10.18
N LEU A 215 -1.45 -11.67 10.71
CA LEU A 215 -1.48 -12.04 12.11
C LEU A 215 -0.76 -11.05 13.00
N LEU A 216 0.26 -10.40 12.45
CA LEU A 216 1.09 -9.51 13.26
C LEU A 216 0.81 -8.04 12.98
N ASN A 217 0.93 -7.23 14.02
CA ASN A 217 0.85 -5.78 13.88
C ASN A 217 2.04 -5.35 13.02
N PHE A 218 1.88 -5.46 11.71
CA PHE A 218 2.98 -5.22 10.79
C PHE A 218 3.09 -3.76 10.39
N THR A 219 4.19 -3.42 9.73
CA THR A 219 4.31 -2.12 9.10
C THR A 219 3.18 -1.96 8.06
N VAL A 220 2.63 -0.77 7.96
CA VAL A 220 1.51 -0.51 7.05
C VAL A 220 1.99 -0.67 5.61
N GLY A 221 1.21 -1.38 4.81
CA GLY A 221 1.55 -1.59 3.40
C GLY A 221 0.90 -0.58 2.48
N ARG A 222 -0.41 -0.40 2.63
CA ARG A 222 -1.18 0.43 1.71
C ARG A 222 -1.78 1.69 2.35
N LEU A 223 -2.09 2.66 1.50
CA LEU A 223 -2.64 3.93 1.93
C LEU A 223 -4.15 3.86 1.92
N VAL A 224 -4.67 2.95 1.11
CA VAL A 224 -6.09 2.67 1.11
C VAL A 224 -6.32 1.17 1.36
N SER A 225 -7.02 0.86 2.44
CA SER A 225 -7.28 -0.54 2.82
C SER A 225 -7.93 -1.36 1.70
N VAL A 226 -7.38 -2.54 1.48
CA VAL A 226 -7.94 -3.49 0.54
C VAL A 226 -9.39 -3.87 0.94
N ALA A 227 -9.74 -3.63 2.19
CA ALA A 227 -11.07 -3.93 2.70
C ALA A 227 -12.09 -2.82 2.35
N ARG A 228 -12.37 -2.69 1.05
CA ARG A 228 -13.38 -1.78 0.51
C ARG A 228 -14.09 -2.44 -0.66
N ASN A 229 -15.38 -2.73 -0.49
CA ASN A 229 -16.20 -3.24 -1.60
C ASN A 229 -17.42 -2.35 -1.76
N ILE A 230 -17.26 -1.29 -2.55
CA ILE A 230 -18.19 -0.18 -2.62
C ILE A 230 -18.39 0.29 -4.06
N THR A 231 -19.62 0.64 -4.41
CA THR A 231 -19.93 1.23 -5.71
C THR A 231 -20.29 2.67 -5.45
N HIS A 232 -19.76 3.59 -6.26
CA HIS A 232 -20.08 4.99 -6.05
C HIS A 232 -20.96 5.44 -7.19
N VAL A 233 -22.08 6.08 -6.87
CA VAL A 233 -23.02 6.50 -7.91
C VAL A 233 -23.25 7.98 -7.74
N ARG A 234 -23.24 8.71 -8.86
CA ARG A 234 -23.52 10.14 -8.79
C ARG A 234 -24.81 10.52 -9.50
N ILE A 235 -25.68 11.16 -8.73
CA ILE A 235 -26.87 11.77 -9.28
C ILE A 235 -26.61 13.27 -9.43
N SER A 236 -26.81 13.80 -10.64
CA SER A 236 -26.43 15.18 -10.92
C SER A 236 -27.46 16.24 -10.52
N SER A 237 -28.24 15.96 -9.49
CA SER A 237 -29.22 16.91 -8.97
C SER A 237 -29.26 16.90 -7.45
N ARG A 238 -29.93 17.88 -6.86
CA ARG A 238 -30.28 17.79 -5.44
C ARG A 238 -31.78 17.54 -5.28
N SER A 239 -32.35 16.69 -6.13
CA SER A 239 -33.78 16.37 -6.07
C SER A 239 -34.19 15.51 -4.85
N LYS A 240 -35.13 16.03 -4.06
CA LYS A 240 -35.58 15.31 -2.89
C LYS A 240 -36.45 14.13 -3.30
N GLU A 241 -37.20 14.33 -4.38
CA GLU A 241 -37.94 13.24 -4.97
C GLU A 241 -37.00 12.09 -5.31
N LYS A 242 -35.92 12.40 -6.01
CA LYS A 242 -35.01 11.35 -6.46
C LYS A 242 -34.38 10.66 -5.27
N LEU A 243 -34.13 11.44 -4.23
CA LEU A 243 -33.64 10.88 -2.97
C LEU A 243 -34.68 9.92 -2.41
N VAL A 244 -35.94 10.36 -2.43
CA VAL A 244 -37.03 9.54 -1.93
C VAL A 244 -37.12 8.20 -2.67
N GLU A 245 -36.92 8.22 -3.98
CA GLU A 245 -36.87 6.97 -4.72
C GLU A 245 -35.77 6.03 -4.22
N LEU A 246 -34.58 6.56 -3.99
CA LEU A 246 -33.47 5.73 -3.49
C LEU A 246 -33.77 5.18 -2.11
N LEU A 247 -34.29 6.05 -1.24
CA LEU A 247 -34.75 5.61 0.07
C LEU A 247 -35.73 4.45 -0.04
N GLU A 248 -36.66 4.56 -0.98
CA GLU A 248 -37.68 3.53 -1.11
C GLU A 248 -37.11 2.12 -1.38
N ILE A 249 -36.04 2.02 -2.17
CA ILE A 249 -35.37 0.71 -2.35
C ILE A 249 -34.25 0.36 -1.33
N PHE A 250 -33.55 1.37 -0.80
CA PHE A 250 -32.49 1.17 0.21
C PHE A 250 -33.14 0.77 1.52
N ARG A 251 -34.14 1.57 1.92
CA ARG A 251 -35.08 1.24 2.99
C ARG A 251 -34.44 1.32 4.38
N ASP A 252 -33.35 0.59 4.56
CA ASP A 252 -32.71 0.48 5.85
C ASP A 252 -31.20 0.74 5.83
N GLY A 253 -30.67 1.08 7.01
CA GLY A 253 -29.23 1.21 7.22
C GLY A 253 -28.61 2.36 6.46
N ILE A 254 -29.30 3.48 6.44
CA ILE A 254 -28.92 4.58 5.56
C ILE A 254 -28.30 5.76 6.32
N LEU A 255 -27.11 6.19 5.92
CA LEU A 255 -26.51 7.42 6.47
C LEU A 255 -26.51 8.55 5.45
N ILE A 256 -27.00 9.70 5.89
CA ILE A 256 -27.02 10.86 5.04
C ILE A 256 -26.19 11.95 5.63
N PHE A 257 -25.30 12.49 4.82
CA PHE A 257 -24.35 13.50 5.27
C PHE A 257 -24.68 14.79 4.58
N ALA A 258 -25.15 15.76 5.37
CA ALA A 258 -25.46 17.10 4.86
C ALA A 258 -24.25 18.03 5.04
N GLN A 259 -24.13 19.00 4.14
CA GLN A 259 -23.01 19.94 4.19
C GLN A 259 -23.07 20.85 5.41
N THR A 260 -24.26 21.27 5.82
CA THR A 260 -24.41 22.09 7.03
C THR A 260 -25.56 21.61 7.92
N GLU A 261 -25.58 22.07 9.16
CA GLU A 261 -26.60 21.63 10.11
C GLU A 261 -28.00 22.12 9.75
N GLU A 262 -28.06 23.23 9.03
CA GLU A 262 -29.33 23.69 8.50
C GLU A 262 -29.80 22.81 7.34
N GLU A 263 -28.90 22.59 6.37
CA GLU A 263 -29.22 21.74 5.23
C GLU A 263 -29.72 20.37 5.67
N GLY A 264 -29.11 19.85 6.73
CA GLY A 264 -29.51 18.60 7.34
C GLY A 264 -30.81 18.70 8.12
N LYS A 265 -31.16 19.89 8.58
CA LYS A 265 -32.45 20.06 9.24
C LYS A 265 -33.59 20.13 8.24
N GLU A 266 -33.35 20.81 7.12
CA GLU A 266 -34.33 20.92 6.04
C GLU A 266 -34.69 19.55 5.48
N LEU A 267 -33.68 18.69 5.31
CA LEU A 267 -33.91 17.35 4.81
C LEU A 267 -34.68 16.51 5.81
N TYR A 268 -34.28 16.59 7.08
CA TYR A 268 -34.92 15.84 8.14
C TYR A 268 -36.42 16.12 8.12
N GLU A 269 -36.75 17.40 8.10
CA GLU A 269 -38.14 17.84 8.05
C GLU A 269 -38.86 17.27 6.86
N TYR A 270 -38.20 17.32 5.70
CA TYR A 270 -38.78 16.79 4.47
C TYR A 270 -39.04 15.28 4.53
N LEU A 271 -38.15 14.54 5.20
CA LEU A 271 -38.28 13.09 5.28
C LEU A 271 -39.24 12.69 6.38
N LYS A 272 -39.35 13.52 7.41
CA LYS A 272 -40.30 13.30 8.48
C LYS A 272 -41.70 13.59 7.93
N ARG A 273 -41.78 14.53 6.99
CA ARG A 273 -43.07 14.88 6.40
C ARG A 273 -43.61 13.72 5.59
N PHE A 274 -42.73 13.08 4.82
CA PHE A 274 -43.14 11.96 4.00
C PHE A 274 -43.11 10.67 4.81
N LYS A 275 -43.05 10.84 6.13
CA LYS A 275 -43.28 9.77 7.08
C LYS A 275 -42.25 8.68 7.00
N PHE A 276 -41.00 9.05 6.74
CA PHE A 276 -39.92 8.10 6.85
C PHE A 276 -39.45 7.98 8.29
N ASN A 277 -39.07 6.76 8.66
CA ASN A 277 -38.45 6.48 9.94
C ASN A 277 -37.04 7.08 9.95
N VAL A 278 -36.96 8.34 10.37
CA VAL A 278 -35.68 9.04 10.32
C VAL A 278 -35.21 9.53 11.71
N GLY A 279 -33.96 9.94 11.78
CA GLY A 279 -33.38 10.50 12.99
C GLY A 279 -32.17 11.33 12.62
N GLU A 280 -31.80 12.27 13.48
CA GLU A 280 -30.67 13.16 13.21
C GLU A 280 -29.55 12.96 14.24
N THR A 281 -28.43 13.64 14.04
CA THR A 281 -27.27 13.50 14.92
C THR A 281 -27.13 14.66 15.91
N TRP A 282 -27.62 15.83 15.53
CA TRP A 282 -27.37 17.04 16.30
C TRP A 282 -28.16 17.14 17.61
N SER A 283 -29.47 16.96 17.55
CA SER A 283 -30.30 17.15 18.74
C SER A 283 -30.00 16.16 19.84
N GLU A 284 -30.15 14.87 19.56
CA GLU A 284 -29.90 13.86 20.56
C GLU A 284 -29.14 12.70 19.96
N PHE A 285 -27.83 12.88 19.83
CA PHE A 285 -26.97 11.88 19.22
C PHE A 285 -27.23 10.48 19.75
N GLU A 286 -26.83 10.24 20.99
CA GLU A 286 -26.80 8.90 21.56
C GLU A 286 -28.14 8.14 21.53
N LYS A 287 -29.25 8.87 21.66
CA LYS A 287 -30.56 8.22 21.58
C LYS A 287 -30.79 7.73 20.16
N ASN A 288 -30.73 8.66 19.21
CA ASN A 288 -30.91 8.32 17.81
C ASN A 288 -29.90 7.28 17.37
N PHE A 289 -28.63 7.51 17.67
CA PHE A 289 -27.57 6.62 17.25
C PHE A 289 -27.81 5.18 17.71
N GLU A 290 -28.40 5.01 18.88
CA GLU A 290 -28.65 3.67 19.39
C GLU A 290 -29.95 3.09 18.86
N ASP A 291 -30.91 3.96 18.57
CA ASP A 291 -32.11 3.49 17.89
C ASP A 291 -31.73 2.98 16.50
N PHE A 292 -30.86 3.73 15.81
CA PHE A 292 -30.33 3.29 14.53
C PHE A 292 -29.57 1.98 14.65
N LYS A 293 -28.75 1.86 15.68
CA LYS A 293 -27.94 0.65 15.85
C LYS A 293 -28.84 -0.55 16.12
N VAL A 294 -29.94 -0.29 16.83
CA VAL A 294 -30.93 -1.32 17.18
C VAL A 294 -31.78 -1.77 15.97
N GLY A 295 -32.38 -0.81 15.29
CA GLY A 295 -33.23 -1.06 14.14
C GLY A 295 -34.44 -0.15 14.18
N LYS A 296 -34.66 0.44 15.34
CA LYS A 296 -35.80 1.31 15.58
C LYS A 296 -35.87 2.43 14.53
N ILE A 297 -34.75 2.72 13.91
CA ILE A 297 -34.68 3.83 12.96
C ILE A 297 -33.95 3.37 11.69
N ASN A 298 -34.34 3.91 10.53
CA ASN A 298 -33.85 3.42 9.24
C ASN A 298 -32.82 4.37 8.61
N ILE A 299 -32.99 5.65 8.92
CA ILE A 299 -32.18 6.66 8.30
C ILE A 299 -31.61 7.61 9.34
N LEU A 300 -30.30 7.80 9.29
CA LEU A 300 -29.64 8.71 10.21
C LEU A 300 -28.99 9.83 9.41
N ILE A 301 -29.51 11.05 9.55
CA ILE A 301 -28.88 12.20 8.93
C ILE A 301 -27.80 12.80 9.83
N GLY A 302 -26.70 13.22 9.21
CA GLY A 302 -25.63 13.87 9.94
C GLY A 302 -25.02 14.99 9.12
N VAL A 303 -23.99 15.62 9.69
CA VAL A 303 -23.27 16.71 9.04
C VAL A 303 -21.80 16.34 8.80
N GLN A 304 -21.34 16.59 7.58
CA GLN A 304 -19.93 16.41 7.23
C GLN A 304 -19.05 17.35 8.06
N ALA A 305 -17.80 16.96 8.19
CA ALA A 305 -16.89 17.52 9.20
C ALA A 305 -17.17 16.97 10.61
N TYR A 306 -17.79 15.79 10.67
CA TYR A 306 -18.07 15.07 11.92
C TYR A 306 -18.83 13.76 11.65
N ASP A 315 -22.36 3.76 12.59
CA ASP A 315 -22.44 2.92 13.80
C ASP A 315 -21.56 1.65 13.54
N LEU A 316 -22.17 0.71 12.82
CA LEU A 316 -21.60 -0.63 12.62
C LEU A 316 -21.74 -1.12 11.15
N PRO A 317 -20.71 -1.79 10.54
CA PRO A 317 -20.89 -2.22 9.12
C PRO A 317 -22.11 -3.11 8.89
N GLU A 318 -22.44 -3.87 9.94
CA GLU A 318 -23.73 -4.52 10.09
C GLU A 318 -24.83 -3.55 9.69
N ARG A 319 -24.84 -2.40 10.39
CA ARG A 319 -25.87 -1.37 10.24
C ARG A 319 -25.74 -0.49 9.00
N ILE A 320 -24.52 -0.03 8.71
CA ILE A 320 -24.36 0.90 7.58
C ILE A 320 -24.25 0.19 6.23
N LYS A 321 -25.21 0.45 5.35
CA LYS A 321 -25.27 -0.25 4.07
C LYS A 321 -25.14 0.78 2.98
N TYR A 322 -25.77 1.92 3.24
CA TYR A 322 -25.84 2.97 2.25
C TYR A 322 -25.40 4.29 2.82
N VAL A 323 -24.52 4.94 2.08
CA VAL A 323 -24.09 6.25 2.49
C VAL A 323 -24.48 7.22 1.42
N ILE A 324 -25.17 8.29 1.82
CA ILE A 324 -25.61 9.28 0.88
C ILE A 324 -25.05 10.66 1.20
N PHE A 325 -24.45 11.28 0.19
CA PHE A 325 -23.80 12.58 0.33
C PHE A 325 -24.70 13.64 -0.29
N TRP A 326 -25.28 14.48 0.56
CA TRP A 326 -26.07 15.62 0.07
C TRP A 326 -25.14 16.80 -0.21
N GLY A 327 -24.58 16.76 -1.42
CA GLY A 327 -23.44 17.59 -1.77
C GLY A 327 -22.12 16.91 -1.41
N THR A 328 -21.15 17.02 -2.32
CA THR A 328 -19.78 16.55 -2.13
C THR A 328 -19.11 17.27 -0.95
N PRO A 329 -18.48 16.50 -0.03
CA PRO A 329 -17.68 17.16 1.00
C PRO A 329 -16.77 18.21 0.34
N SER A 330 -16.89 19.45 0.78
CA SER A 330 -16.19 20.56 0.17
C SER A 330 -14.66 20.41 0.24
N GLY A 331 -14.01 20.73 -0.86
CA GLY A 331 -12.57 20.59 -1.02
C GLY A 331 -12.28 20.48 -2.50
N PRO A 332 -12.69 19.25 -3.14
CA PRO A 332 -13.30 18.17 -2.36
C PRO A 332 -12.35 17.61 -1.34
N ASP A 333 -12.85 17.50 -0.11
CA ASP A 333 -12.18 16.78 0.93
C ASP A 333 -12.30 15.27 0.67
N VAL A 334 -11.42 14.76 -0.18
CA VAL A 334 -11.44 13.38 -0.59
C VAL A 334 -11.18 12.43 0.59
N TYR A 335 -10.32 12.84 1.52
CA TYR A 335 -10.02 12.00 2.67
C TYR A 335 -11.28 11.65 3.47
N THR A 336 -12.15 12.64 3.67
CA THR A 336 -13.39 12.47 4.40
C THR A 336 -14.39 11.63 3.60
N TYR A 337 -14.44 11.88 2.29
CA TYR A 337 -15.28 11.09 1.41
C TYR A 337 -14.91 9.61 1.53
N ILE A 338 -13.63 9.33 1.34
CA ILE A 338 -13.11 7.97 1.49
C ILE A 338 -13.40 7.34 2.87
N GLN A 339 -13.27 8.08 3.97
CA GLN A 339 -13.52 7.49 5.27
C GLN A 339 -15.00 7.20 5.43
N ALA A 340 -15.79 8.21 5.11
CA ALA A 340 -17.24 8.12 5.25
C ALA A 340 -17.81 6.97 4.41
N SER A 341 -17.63 7.05 3.09
CA SER A 341 -18.05 5.98 2.23
C SER A 341 -17.55 4.61 2.73
N GLY A 342 -16.38 4.59 3.35
CA GLY A 342 -15.79 3.33 3.80
C GLY A 342 -16.55 2.69 4.95
N ARG A 343 -17.37 3.51 5.59
CA ARG A 343 -18.32 3.03 6.59
C ARG A 343 -19.28 1.92 6.09
N SER A 344 -19.58 1.95 4.79
CA SER A 344 -20.61 1.06 4.23
C SER A 344 -20.00 -0.26 3.82
N SER A 345 -18.71 -0.43 4.08
CA SER A 345 -18.02 -1.64 3.68
C SER A 345 -16.89 -2.01 4.63
N ARG A 346 -17.05 -3.16 5.26
CA ARG A 346 -16.17 -3.60 6.32
C ARG A 346 -16.27 -5.10 6.40
N ILE A 347 -15.13 -5.77 6.50
CA ILE A 347 -15.08 -7.20 6.78
C ILE A 347 -15.92 -7.53 8.00
N LEU A 348 -16.93 -8.38 7.81
CA LEU A 348 -17.79 -8.73 8.91
C LEU A 348 -17.82 -10.24 9.02
N ASN A 349 -17.38 -10.75 10.17
CA ASN A 349 -17.35 -12.19 10.39
C ASN A 349 -16.67 -12.94 9.24
N GLY A 350 -15.57 -12.37 8.76
CA GLY A 350 -14.77 -13.00 7.73
C GLY A 350 -15.18 -12.67 6.32
N VAL A 351 -16.25 -11.89 6.17
CA VAL A 351 -16.79 -11.55 4.85
C VAL A 351 -16.62 -10.08 4.54
N LEU A 352 -16.06 -9.77 3.37
CA LEU A 352 -15.99 -8.37 2.95
C LEU A 352 -17.34 -7.87 2.44
N VAL A 353 -18.14 -7.41 3.39
CA VAL A 353 -19.49 -6.93 3.12
C VAL A 353 -19.55 -5.86 2.03
N LYS A 354 -20.66 -5.80 1.30
CA LYS A 354 -20.87 -4.83 0.21
C LYS A 354 -21.46 -3.50 0.66
N GLY A 355 -20.95 -2.39 0.11
CA GLY A 355 -21.52 -1.11 0.44
C GLY A 355 -21.76 -0.22 -0.76
N VAL A 356 -22.66 0.74 -0.60
CA VAL A 356 -23.02 1.64 -1.69
C VAL A 356 -23.02 3.10 -1.22
N SER A 357 -22.42 3.96 -2.03
CA SER A 357 -22.32 5.36 -1.69
C SER A 357 -22.81 6.14 -2.87
N VAL A 358 -23.69 7.08 -2.59
CA VAL A 358 -24.33 7.87 -3.62
C VAL A 358 -24.08 9.34 -3.31
N ILE A 359 -23.80 10.13 -4.35
CA ILE A 359 -23.50 11.54 -4.19
C ILE A 359 -24.48 12.33 -5.00
N PHE A 360 -25.24 13.19 -4.33
CA PHE A 360 -26.05 14.18 -5.02
C PHE A 360 -25.17 15.44 -5.26
N GLU A 361 -24.89 15.74 -6.53
CA GLU A 361 -24.01 16.86 -6.88
C GLU A 361 -24.30 17.45 -8.26
N GLU A 362 -24.71 18.71 -8.27
CA GLU A 362 -25.02 19.43 -9.50
C GLU A 362 -23.76 19.95 -10.22
N ASP A 363 -22.83 20.47 -9.43
CA ASP A 363 -21.60 21.08 -9.90
C ASP A 363 -20.67 20.11 -10.63
N GLU A 364 -20.57 20.22 -11.95
CA GLU A 364 -19.73 19.32 -12.73
C GLU A 364 -18.24 19.40 -12.37
N GLU A 365 -17.75 20.59 -12.06
CA GLU A 365 -16.33 20.81 -11.76
C GLU A 365 -15.95 20.13 -10.45
N ILE A 366 -16.64 20.53 -9.39
CA ILE A 366 -16.53 19.90 -8.07
C ILE A 366 -16.48 18.38 -8.20
N PHE A 367 -17.48 17.84 -8.89
CA PHE A 367 -17.62 16.40 -8.99
C PHE A 367 -16.53 15.79 -9.85
N GLU A 368 -16.07 16.55 -10.84
CA GLU A 368 -14.98 16.07 -11.66
C GLU A 368 -13.71 15.98 -10.83
N SER A 369 -13.54 16.90 -9.87
CA SER A 369 -12.36 16.89 -9.04
C SER A 369 -12.35 15.68 -8.09
N LEU A 370 -13.49 15.47 -7.43
CA LEU A 370 -13.64 14.36 -6.51
C LEU A 370 -13.40 13.05 -7.25
N LYS A 371 -14.03 12.95 -8.42
CA LYS A 371 -13.95 11.77 -9.24
C LYS A 371 -12.50 11.39 -9.62
N THR A 372 -11.75 12.32 -10.21
CA THR A 372 -10.38 12.00 -10.64
C THR A 372 -9.49 11.67 -9.44
N ARG A 373 -9.65 12.45 -8.37
CA ARG A 373 -8.90 12.21 -7.15
C ARG A 373 -9.15 10.82 -6.61
N LEU A 374 -10.43 10.46 -6.47
CA LEU A 374 -10.80 9.15 -5.94
C LEU A 374 -10.17 8.03 -6.77
N LEU A 375 -10.25 8.14 -8.10
CA LEU A 375 -9.59 7.15 -8.95
C LEU A 375 -8.06 7.09 -8.75
N LEU A 376 -7.45 8.23 -8.46
CA LEU A 376 -6.01 8.30 -8.26
C LEU A 376 -5.60 7.74 -6.90
N ILE A 377 -6.45 7.93 -5.90
CA ILE A 377 -6.11 7.51 -4.55
C ILE A 377 -6.60 6.12 -4.23
N ALA A 378 -7.92 5.93 -4.31
CA ALA A 378 -8.54 4.65 -4.02
C ALA A 378 -8.60 3.69 -5.21
N GLU A 379 -8.37 4.23 -6.42
CA GLU A 379 -8.54 3.47 -7.67
C GLU A 379 -9.99 3.00 -7.83
N GLU A 380 -10.90 3.80 -7.29
CA GLU A 380 -12.31 3.47 -7.30
C GLU A 380 -13.06 4.45 -8.19
N GLU A 381 -14.06 3.94 -8.90
CA GLU A 381 -14.77 4.73 -9.90
C GLU A 381 -16.07 5.33 -9.39
N ILE A 382 -16.45 6.47 -9.96
CA ILE A 382 -17.78 7.04 -9.68
C ILE A 382 -18.72 7.10 -10.90
N ILE A 383 -19.62 6.13 -10.99
CA ILE A 383 -20.55 6.06 -12.13
C ILE A 383 -21.77 6.97 -12.01
N GLU A 384 -22.44 7.14 -13.15
CA GLU A 384 -23.62 8.01 -13.21
C GLU A 384 -24.85 7.18 -12.96
N GLU A 385 -25.91 7.84 -12.50
CA GLU A 385 -27.14 7.14 -12.14
C GLU A 385 -27.46 6.04 -13.14
N ALA A 386 -27.51 6.42 -14.41
CA ALA A 386 -27.98 5.54 -15.47
C ALA A 386 -27.16 4.26 -15.68
N GLU A 387 -25.93 4.21 -15.18
CA GLU A 387 -25.12 2.99 -15.29
C GLU A 387 -25.40 2.05 -14.12
N ALA A 388 -26.23 2.53 -13.19
CA ALA A 388 -26.42 1.87 -11.91
C ALA A 388 -27.51 0.78 -11.91
N ASN A 389 -27.09 -0.44 -11.58
CA ASN A 389 -28.02 -1.54 -11.46
C ASN A 389 -28.46 -1.69 -10.03
N TRP A 390 -29.41 -0.84 -9.66
CA TRP A 390 -29.97 -0.80 -8.32
C TRP A 390 -30.38 -2.17 -7.79
N LYS A 391 -30.96 -2.99 -8.65
CA LYS A 391 -31.36 -4.31 -8.21
C LYS A 391 -30.15 -5.18 -7.84
N GLU A 392 -29.07 -5.09 -8.62
CA GLU A 392 -27.85 -5.85 -8.35
C GLU A 392 -27.12 -5.29 -7.15
N LEU A 393 -27.21 -3.98 -6.97
CA LEU A 393 -26.46 -3.33 -5.90
C LEU A 393 -27.08 -3.72 -4.57
N VAL A 394 -28.41 -3.57 -4.52
CA VAL A 394 -29.16 -3.90 -3.33
C VAL A 394 -29.00 -5.37 -3.00
N HIS A 395 -29.07 -6.22 -4.03
CA HIS A 395 -28.83 -7.63 -3.82
C HIS A 395 -27.43 -7.91 -3.26
N GLU A 396 -26.43 -7.26 -3.85
CA GLU A 396 -25.06 -7.51 -3.38
C GLU A 396 -25.00 -7.16 -1.89
N VAL A 397 -25.56 -5.99 -1.54
CA VAL A 397 -25.61 -5.54 -0.16
C VAL A 397 -26.29 -6.54 0.77
N GLU A 398 -27.51 -6.94 0.42
CA GLU A 398 -28.26 -7.91 1.24
C GLU A 398 -27.55 -9.27 1.34
N GLU A 399 -27.15 -9.83 0.21
CA GLU A 399 -26.55 -11.15 0.27
C GLU A 399 -25.17 -11.18 0.94
N SER A 400 -24.32 -10.18 0.66
CA SER A 400 -23.00 -10.10 1.32
C SER A 400 -23.21 -10.11 2.83
N ARG A 401 -24.06 -9.21 3.32
CA ARG A 401 -24.46 -9.21 4.72
C ARG A 401 -25.07 -10.52 5.23
N ARG A 402 -25.81 -11.22 4.38
CA ARG A 402 -26.44 -12.47 4.79
C ARG A 402 -25.43 -13.60 4.95
N ARG A 403 -24.36 -13.57 4.16
CA ARG A 403 -23.26 -14.51 4.38
C ARG A 403 -22.54 -14.27 5.71
N SER A 404 -22.26 -13.01 5.99
CA SER A 404 -21.53 -12.62 7.20
C SER A 404 -22.21 -13.18 8.44
N GLU A 405 -23.53 -13.04 8.51
CA GLU A 405 -24.27 -13.45 9.70
C GLU A 405 -24.46 -14.97 9.84
N ARG A 406 -23.90 -15.73 8.89
CA ARG A 406 -23.84 -17.17 9.02
C ARG A 406 -22.78 -17.59 10.06
N GLU A 407 -21.88 -16.66 10.38
CA GLU A 407 -20.78 -16.92 11.31
C GLU A 407 -20.09 -18.26 11.05
N GLU B 1 -23.73 0.30 -22.12
CA GLU B 1 -24.40 -0.66 -21.24
C GLU B 1 -23.60 -1.96 -21.16
N PHE B 2 -22.96 -2.16 -20.01
CA PHE B 2 -22.04 -3.28 -19.85
C PHE B 2 -22.65 -4.42 -19.03
N TRP B 3 -23.83 -4.20 -18.47
CA TRP B 3 -24.42 -5.16 -17.53
C TRP B 3 -24.66 -6.51 -18.17
N ASN B 4 -25.10 -6.49 -19.42
CA ASN B 4 -25.33 -7.73 -20.12
C ASN B 4 -24.02 -8.50 -20.31
N GLU B 5 -22.97 -7.82 -20.77
CA GLU B 5 -21.67 -8.48 -21.04
C GLU B 5 -21.01 -8.95 -19.76
N TYR B 6 -21.11 -8.16 -18.71
CA TYR B 6 -20.63 -8.54 -17.39
C TYR B 6 -21.17 -9.92 -17.05
N GLU B 7 -22.48 -9.98 -16.79
CA GLU B 7 -23.10 -11.23 -16.37
C GLU B 7 -22.76 -12.41 -17.26
N ASP B 8 -22.67 -12.18 -18.57
CA ASP B 8 -22.15 -13.22 -19.48
C ASP B 8 -20.85 -13.81 -18.94
N PHE B 9 -19.89 -12.92 -18.69
CA PHE B 9 -18.60 -13.26 -18.09
C PHE B 9 -18.81 -13.92 -16.74
N ARG B 10 -19.65 -13.32 -15.91
CA ARG B 10 -20.04 -13.92 -14.63
C ARG B 10 -20.45 -15.39 -14.83
N SER B 11 -21.32 -15.62 -15.81
CA SER B 11 -21.79 -16.96 -16.11
C SER B 11 -20.62 -17.85 -16.51
N PHE B 12 -19.94 -17.45 -17.57
CA PHE B 12 -18.86 -18.25 -18.13
C PHE B 12 -17.84 -18.61 -17.07
N PHE B 13 -17.63 -17.72 -16.12
CA PHE B 13 -16.67 -18.01 -15.06
C PHE B 13 -17.16 -19.16 -14.21
N LYS B 14 -18.34 -18.97 -13.63
CA LYS B 14 -18.94 -19.98 -12.77
C LYS B 14 -18.89 -21.33 -13.46
N LYS B 15 -19.27 -21.36 -14.73
CA LYS B 15 -19.30 -22.60 -15.48
C LYS B 15 -17.91 -23.23 -15.58
N LYS B 16 -17.00 -22.57 -16.29
CA LYS B 16 -15.68 -23.16 -16.56
C LYS B 16 -14.86 -23.43 -15.30
N PHE B 17 -14.96 -22.57 -14.28
CA PHE B 17 -14.12 -22.71 -13.09
C PHE B 17 -14.71 -23.62 -12.01
N GLY B 18 -16.03 -23.56 -11.83
CA GLY B 18 -16.68 -24.44 -10.88
C GLY B 18 -17.00 -23.78 -9.56
N LYS B 19 -16.66 -22.50 -9.43
CA LYS B 19 -17.01 -21.74 -8.24
C LYS B 19 -17.44 -20.34 -8.62
N ASP B 20 -17.62 -19.47 -7.63
CA ASP B 20 -18.09 -18.11 -7.88
C ASP B 20 -16.96 -17.07 -7.87
N LEU B 21 -17.30 -15.85 -8.27
CA LEU B 21 -16.35 -14.74 -8.25
C LEU B 21 -16.28 -14.13 -6.86
N THR B 22 -15.08 -14.03 -6.31
CA THR B 22 -14.90 -13.32 -5.06
C THR B 22 -15.23 -11.84 -5.28
N GLY B 23 -15.47 -11.12 -4.19
CA GLY B 23 -15.80 -9.70 -4.28
C GLY B 23 -14.82 -8.95 -5.16
N TYR B 24 -13.58 -9.39 -5.14
CA TYR B 24 -12.49 -8.80 -5.89
C TYR B 24 -12.58 -9.12 -7.36
N GLN B 25 -12.76 -10.39 -7.66
CA GLN B 25 -12.85 -10.85 -9.02
C GLN B 25 -14.01 -10.16 -9.74
N ARG B 26 -15.08 -9.86 -9.00
CA ARG B 26 -16.22 -9.15 -9.58
C ARG B 26 -15.86 -7.75 -10.08
N LEU B 27 -15.12 -7.01 -9.26
CA LEU B 27 -14.63 -5.69 -9.62
C LEU B 27 -13.78 -5.75 -10.88
N TRP B 28 -12.82 -6.68 -10.89
CA TRP B 28 -11.97 -6.92 -12.05
C TRP B 28 -12.79 -7.24 -13.28
N ALA B 29 -13.78 -8.10 -13.13
CA ALA B 29 -14.64 -8.48 -14.25
C ALA B 29 -15.29 -7.27 -14.90
N LYS B 30 -15.84 -6.37 -14.07
CA LYS B 30 -16.47 -5.14 -14.58
C LYS B 30 -15.50 -4.26 -15.41
N ARG B 31 -14.27 -4.10 -14.93
CA ARG B 31 -13.28 -3.35 -15.68
C ARG B 31 -12.95 -4.02 -16.99
N ILE B 32 -12.68 -5.31 -16.98
CA ILE B 32 -12.39 -6.04 -18.21
C ILE B 32 -13.49 -5.93 -19.26
N VAL B 33 -14.74 -5.97 -18.81
CA VAL B 33 -15.87 -5.81 -19.72
C VAL B 33 -15.94 -4.37 -20.28
N GLN B 34 -15.55 -3.39 -19.47
CA GLN B 34 -15.40 -2.05 -19.97
C GLN B 34 -14.08 -1.82 -20.75
N GLY B 35 -13.29 -2.87 -20.92
CA GLY B 35 -12.02 -2.76 -21.61
C GLY B 35 -10.92 -1.94 -20.94
N LYS B 36 -11.00 -1.80 -19.61
CA LYS B 36 -10.05 -0.98 -18.84
C LYS B 36 -8.82 -1.77 -18.36
N SER B 37 -7.70 -1.06 -18.21
CA SER B 37 -6.47 -1.62 -17.65
C SER B 37 -6.40 -1.33 -16.17
N PHE B 38 -5.81 -2.25 -15.43
CA PHE B 38 -5.82 -2.11 -13.99
C PHE B 38 -4.81 -3.03 -13.34
N THR B 39 -4.47 -2.69 -12.10
CA THR B 39 -3.63 -3.53 -11.27
C THR B 39 -4.57 -4.44 -10.47
N MET B 40 -4.24 -5.72 -10.37
CA MET B 40 -4.96 -6.58 -9.46
C MET B 40 -4.54 -6.34 -8.01
N VAL B 41 -5.20 -5.41 -7.34
CA VAL B 41 -4.94 -5.18 -5.93
C VAL B 41 -5.91 -5.97 -5.06
N ALA B 42 -5.33 -6.75 -4.15
CA ALA B 42 -6.07 -7.72 -3.34
C ALA B 42 -5.22 -8.18 -2.18
N PRO B 43 -5.85 -8.81 -1.17
CA PRO B 43 -5.05 -9.33 -0.07
C PRO B 43 -4.25 -10.56 -0.47
N THR B 44 -4.88 -11.42 -1.27
CA THR B 44 -4.30 -12.71 -1.63
C THR B 44 -4.04 -12.75 -3.10
N GLY B 45 -3.06 -13.57 -3.49
CA GLY B 45 -2.75 -13.80 -4.88
C GLY B 45 -3.55 -14.96 -5.45
N VAL B 46 -4.25 -15.67 -4.59
CA VAL B 46 -5.06 -16.78 -5.08
C VAL B 46 -6.17 -16.20 -5.92
N GLY B 47 -6.27 -16.70 -7.15
CA GLY B 47 -7.37 -16.37 -8.04
C GLY B 47 -6.96 -15.41 -9.13
N LYS B 48 -5.81 -14.77 -8.94
CA LYS B 48 -5.34 -13.78 -9.89
C LYS B 48 -5.06 -14.48 -11.20
N THR B 49 -4.17 -15.46 -11.17
CA THR B 49 -3.85 -16.19 -12.39
C THR B 49 -5.09 -16.86 -12.97
N THR B 50 -5.91 -17.46 -12.10
CA THR B 50 -7.15 -18.09 -12.55
C THR B 50 -8.03 -17.08 -13.29
N PHE B 51 -8.13 -15.88 -12.75
CA PHE B 51 -8.92 -14.84 -13.36
C PHE B 51 -8.34 -14.43 -14.72
N GLY B 52 -7.04 -14.27 -14.77
CA GLY B 52 -6.37 -13.89 -15.98
C GLY B 52 -6.61 -14.95 -17.02
N MET B 53 -6.38 -16.19 -16.62
CA MET B 53 -6.58 -17.31 -17.50
C MET B 53 -8.02 -17.33 -17.98
N MET B 54 -8.95 -17.05 -17.07
CA MET B 54 -10.35 -17.13 -17.43
C MET B 54 -10.76 -15.99 -18.37
N THR B 55 -10.19 -14.82 -18.13
CA THR B 55 -10.44 -13.64 -18.94
C THR B 55 -10.05 -13.88 -20.39
N ALA B 56 -8.94 -14.58 -20.57
CA ALA B 56 -8.35 -14.80 -21.87
C ALA B 56 -9.18 -15.81 -22.65
N LEU B 57 -9.61 -16.86 -21.95
CA LEU B 57 -10.48 -17.86 -22.53
C LEU B 57 -11.77 -17.18 -23.01
N TRP B 58 -12.41 -16.47 -22.09
CA TRP B 58 -13.63 -15.75 -22.41
C TRP B 58 -13.48 -14.80 -23.58
N LEU B 59 -12.27 -14.28 -23.76
CA LEU B 59 -12.03 -13.30 -24.82
C LEU B 59 -11.84 -14.03 -26.16
N ALA B 60 -11.18 -15.18 -26.13
CA ALA B 60 -10.94 -15.97 -27.33
C ALA B 60 -12.25 -16.30 -28.05
N ARG B 61 -13.29 -16.59 -27.26
CA ARG B 61 -14.62 -16.87 -27.76
C ARG B 61 -15.05 -15.84 -28.78
N LYS B 62 -14.74 -14.59 -28.48
CA LYS B 62 -15.10 -13.47 -29.36
C LYS B 62 -14.15 -13.31 -30.54
N GLY B 63 -13.09 -14.13 -30.56
CA GLY B 63 -12.04 -14.05 -31.58
C GLY B 63 -10.94 -13.08 -31.19
N LYS B 64 -10.92 -12.71 -29.90
CA LYS B 64 -9.99 -11.73 -29.36
C LYS B 64 -8.74 -12.39 -28.79
N LYS B 65 -7.61 -11.67 -28.84
CA LYS B 65 -6.29 -12.28 -28.59
C LYS B 65 -5.65 -11.87 -27.28
N SER B 66 -5.04 -12.84 -26.63
CA SER B 66 -4.41 -12.62 -25.34
C SER B 66 -2.95 -13.02 -25.26
N ALA B 67 -2.21 -12.33 -24.41
CA ALA B 67 -0.86 -12.75 -24.03
C ALA B 67 -0.77 -12.84 -22.50
N LEU B 68 -0.31 -14.00 -22.00
CA LEU B 68 -0.17 -14.23 -20.57
C LEU B 68 1.31 -14.44 -20.22
N VAL B 69 1.85 -13.54 -19.41
CA VAL B 69 3.30 -13.41 -19.24
C VAL B 69 3.80 -13.69 -17.83
N PHE B 70 4.65 -14.71 -17.70
CA PHE B 70 5.15 -15.08 -16.40
C PHE B 70 6.65 -14.88 -16.25
N PRO B 71 7.11 -14.79 -14.99
CA PRO B 71 8.52 -14.50 -14.64
C PRO B 71 9.40 -15.75 -14.73
N THR B 72 8.79 -16.93 -14.69
CA THR B 72 9.54 -18.18 -14.65
C THR B 72 9.05 -19.19 -15.66
N VAL B 73 9.99 -19.93 -16.22
CA VAL B 73 9.69 -20.99 -17.17
C VAL B 73 8.68 -21.98 -16.57
N THR B 74 8.86 -22.33 -15.30
CA THR B 74 7.99 -23.32 -14.67
C THR B 74 6.55 -22.83 -14.76
N LEU B 75 6.36 -21.54 -14.51
CA LEU B 75 5.04 -20.94 -14.51
C LEU B 75 4.43 -20.96 -15.91
N VAL B 76 5.28 -20.91 -16.93
CA VAL B 76 4.80 -20.99 -18.31
C VAL B 76 4.24 -22.38 -18.64
N LYS B 77 4.97 -23.42 -18.25
CA LYS B 77 4.50 -24.80 -18.47
C LYS B 77 3.20 -25.04 -17.73
N GLN B 78 3.21 -24.68 -16.44
CA GLN B 78 2.06 -24.84 -15.56
C GLN B 78 0.79 -24.24 -16.12
N THR B 79 0.84 -22.95 -16.45
CA THR B 79 -0.33 -22.26 -16.98
C THR B 79 -0.75 -22.85 -18.32
N LEU B 80 0.23 -23.27 -19.11
CA LEU B 80 -0.03 -23.93 -20.40
C LEU B 80 -0.83 -25.21 -20.19
N GLU B 81 -0.38 -26.03 -19.26
CA GLU B 81 -1.11 -27.23 -18.88
C GLU B 81 -2.55 -26.87 -18.51
N ARG B 82 -2.70 -26.06 -17.47
CA ARG B 82 -3.99 -25.55 -17.01
C ARG B 82 -4.93 -25.14 -18.14
N LEU B 83 -4.43 -24.31 -19.05
CA LEU B 83 -5.26 -23.77 -20.11
C LEU B 83 -5.79 -24.86 -21.03
N GLN B 84 -4.90 -25.75 -21.47
CA GLN B 84 -5.26 -26.75 -22.44
C GLN B 84 -6.19 -27.77 -21.81
N LYS B 85 -6.27 -27.74 -20.48
CA LYS B 85 -7.23 -28.53 -19.73
C LYS B 85 -8.62 -27.91 -19.76
N LEU B 86 -8.68 -26.58 -19.77
CA LEU B 86 -9.93 -25.85 -19.64
C LEU B 86 -10.56 -25.42 -20.96
N ALA B 87 -9.74 -25.38 -22.01
CA ALA B 87 -10.14 -24.75 -23.26
C ALA B 87 -10.77 -25.75 -24.21
N ASP B 88 -11.74 -25.28 -24.97
CA ASP B 88 -12.31 -26.05 -26.06
C ASP B 88 -11.19 -26.32 -27.04
N GLU B 89 -11.25 -27.45 -27.74
CA GLU B 89 -10.24 -27.76 -28.73
C GLU B 89 -10.18 -26.61 -29.73
N LYS B 90 -11.28 -25.91 -29.87
CA LYS B 90 -11.39 -24.86 -30.87
C LYS B 90 -10.47 -23.66 -30.57
N VAL B 91 -10.08 -23.53 -29.31
CA VAL B 91 -9.22 -22.43 -28.87
C VAL B 91 -7.75 -22.75 -29.20
N LYS B 92 -7.12 -21.86 -29.95
CA LYS B 92 -5.72 -22.06 -30.32
C LYS B 92 -4.75 -21.48 -29.29
N ILE B 93 -4.20 -22.34 -28.46
CA ILE B 93 -3.30 -21.95 -27.39
C ILE B 93 -1.83 -22.37 -27.66
N PHE B 94 -0.92 -21.40 -27.61
CA PHE B 94 0.50 -21.70 -27.81
C PHE B 94 1.40 -21.12 -26.71
N GLY B 95 2.42 -21.87 -26.33
CA GLY B 95 3.42 -21.41 -25.37
C GLY B 95 4.85 -21.46 -25.89
N PHE B 96 5.75 -20.78 -25.18
CA PHE B 96 7.18 -20.82 -25.47
C PHE B 96 8.08 -20.66 -24.24
N TYR B 97 8.94 -21.66 -24.03
CA TYR B 97 10.02 -21.60 -23.05
C TYR B 97 11.24 -22.26 -23.68
N SER B 98 12.42 -21.79 -23.33
CA SER B 98 13.67 -22.21 -23.98
C SER B 98 13.95 -23.73 -23.94
N SER B 99 13.37 -24.42 -22.97
CA SER B 99 13.61 -25.84 -22.77
C SER B 99 12.59 -26.71 -23.51
N MET B 100 11.95 -26.13 -24.51
CA MET B 100 10.90 -26.79 -25.24
C MET B 100 11.51 -27.61 -26.36
N LYS B 101 10.74 -28.55 -26.92
CA LYS B 101 11.23 -29.33 -28.04
C LYS B 101 11.29 -28.46 -29.29
N LYS B 102 12.31 -28.66 -30.11
CA LYS B 102 12.45 -27.87 -31.34
C LYS B 102 11.20 -27.87 -32.20
N GLU B 103 10.56 -29.04 -32.32
CA GLU B 103 9.35 -29.15 -33.13
C GLU B 103 8.23 -28.33 -32.51
N GLU B 104 8.15 -28.34 -31.17
CA GLU B 104 7.17 -27.56 -30.44
C GLU B 104 7.40 -26.07 -30.64
N LYS B 105 8.65 -25.66 -30.48
CA LYS B 105 9.03 -24.28 -30.69
C LYS B 105 8.60 -23.84 -32.07
N GLU B 106 8.84 -24.69 -33.07
CA GLU B 106 8.54 -24.35 -34.45
C GLU B 106 7.05 -24.16 -34.72
N LYS B 107 6.23 -24.93 -34.02
CA LYS B 107 4.79 -24.76 -34.09
C LYS B 107 4.45 -23.34 -33.62
N PHE B 108 4.97 -23.00 -32.45
CA PHE B 108 4.71 -21.72 -31.84
C PHE B 108 5.11 -20.59 -32.79
N GLU B 109 6.36 -20.64 -33.23
CA GLU B 109 6.91 -19.61 -34.12
C GLU B 109 6.06 -19.39 -35.36
N LYS B 110 5.59 -20.49 -35.95
CA LYS B 110 4.75 -20.44 -37.15
C LYS B 110 3.44 -19.68 -36.87
N SER B 111 2.70 -20.17 -35.87
CA SER B 111 1.42 -19.57 -35.50
C SER B 111 1.59 -18.12 -35.10
N PHE B 112 2.70 -17.85 -34.41
CA PHE B 112 2.99 -16.49 -33.98
C PHE B 112 3.18 -15.53 -35.15
N GLU B 113 3.76 -16.02 -36.24
CA GLU B 113 4.01 -15.18 -37.41
C GLU B 113 2.77 -15.06 -38.29
N GLU B 114 1.88 -16.04 -38.16
CA GLU B 114 0.68 -16.10 -38.99
C GLU B 114 -0.51 -15.48 -38.32
N ASP B 115 -0.36 -15.12 -37.04
CA ASP B 115 -1.47 -14.60 -36.26
C ASP B 115 -2.57 -15.63 -36.18
N ASP B 116 -2.14 -16.89 -36.12
CA ASP B 116 -3.06 -17.99 -36.02
C ASP B 116 -3.08 -18.50 -34.58
N TYR B 117 -3.49 -17.63 -33.66
CA TYR B 117 -3.55 -18.00 -32.24
C TYR B 117 -4.62 -17.20 -31.55
N HIS B 118 -4.98 -17.64 -30.35
CA HIS B 118 -5.91 -16.91 -29.52
C HIS B 118 -5.19 -16.47 -28.27
N ILE B 119 -4.45 -17.41 -27.70
CA ILE B 119 -3.77 -17.17 -26.43
C ILE B 119 -2.30 -17.58 -26.50
N LEU B 120 -1.43 -16.71 -25.98
CA LEU B 120 0.01 -16.93 -26.02
C LEU B 120 0.52 -16.86 -24.60
N VAL B 121 1.41 -17.77 -24.26
CA VAL B 121 1.97 -17.83 -22.92
C VAL B 121 3.49 -17.91 -22.98
N PHE B 122 4.15 -16.96 -22.31
CA PHE B 122 5.61 -16.92 -22.34
C PHE B 122 6.21 -16.11 -21.19
N SER B 123 7.54 -16.08 -21.13
CA SER B 123 8.26 -15.48 -20.00
C SER B 123 8.58 -13.98 -20.14
N THR B 124 8.84 -13.33 -19.01
CA THR B 124 9.31 -11.93 -19.01
C THR B 124 10.58 -11.81 -19.84
N GLN B 125 11.34 -12.88 -19.89
CA GLN B 125 12.60 -12.91 -20.62
C GLN B 125 12.33 -12.97 -22.14
N PHE B 126 11.26 -13.67 -22.53
CA PHE B 126 10.87 -13.75 -23.93
C PHE B 126 10.53 -12.38 -24.45
N VAL B 127 9.88 -11.60 -23.61
CA VAL B 127 9.55 -10.25 -23.97
C VAL B 127 10.83 -9.48 -24.26
N SER B 128 11.87 -9.69 -23.44
CA SER B 128 13.17 -9.04 -23.65
C SER B 128 13.78 -9.43 -24.97
N LYS B 129 13.66 -10.69 -25.34
CA LYS B 129 14.32 -11.15 -26.55
C LYS B 129 13.51 -10.91 -27.82
N ASN B 130 12.30 -10.39 -27.69
CA ASN B 130 11.44 -10.23 -28.88
C ASN B 130 10.70 -8.91 -28.96
N ARG B 131 11.33 -7.83 -28.50
CA ARG B 131 10.73 -6.51 -28.65
C ARG B 131 10.15 -6.32 -30.06
N GLU B 132 10.97 -6.59 -31.08
CA GLU B 132 10.61 -6.29 -32.45
C GLU B 132 9.37 -7.04 -32.91
N LYS B 133 9.32 -8.34 -32.65
CA LYS B 133 8.17 -9.16 -33.04
C LYS B 133 6.90 -8.73 -32.30
N LEU B 134 7.02 -8.51 -30.99
CA LEU B 134 5.86 -8.24 -30.13
C LEU B 134 5.30 -6.84 -30.30
N SER B 135 6.19 -5.89 -30.44
CA SER B 135 5.81 -4.50 -30.64
C SER B 135 4.98 -4.32 -31.91
N GLN B 136 4.83 -5.39 -32.68
CA GLN B 136 4.06 -5.31 -33.94
C GLN B 136 2.71 -6.04 -33.88
N LYS B 137 2.36 -6.51 -32.70
CA LYS B 137 1.12 -7.22 -32.49
C LYS B 137 0.20 -6.41 -31.60
N ARG B 138 -1.09 -6.42 -31.89
CA ARG B 138 -2.03 -5.84 -30.96
C ARG B 138 -2.78 -6.95 -30.25
N PHE B 139 -2.65 -6.99 -28.92
CA PHE B 139 -3.38 -7.94 -28.13
C PHE B 139 -4.54 -7.23 -27.54
N ASP B 140 -5.64 -7.94 -27.33
CA ASP B 140 -6.84 -7.37 -26.75
C ASP B 140 -6.71 -7.44 -25.24
N PHE B 141 -6.01 -8.47 -24.77
CA PHE B 141 -5.75 -8.62 -23.35
C PHE B 141 -4.26 -8.97 -23.14
N VAL B 142 -3.62 -8.30 -22.19
CA VAL B 142 -2.24 -8.67 -21.84
C VAL B 142 -2.12 -8.84 -20.34
N PHE B 143 -1.82 -10.06 -19.92
CA PHE B 143 -1.73 -10.35 -18.50
C PHE B 143 -0.31 -10.43 -18.02
N VAL B 144 0.00 -9.67 -16.99
CA VAL B 144 1.34 -9.73 -16.44
C VAL B 144 1.31 -10.20 -14.99
N ASP B 145 1.88 -11.37 -14.76
CA ASP B 145 2.00 -11.94 -13.43
C ASP B 145 2.85 -11.06 -12.57
N ASP B 146 4.04 -10.70 -13.07
CA ASP B 146 5.03 -10.00 -12.26
C ASP B 146 5.90 -8.96 -13.01
N VAL B 147 5.73 -7.69 -12.68
CA VAL B 147 6.65 -6.70 -13.22
C VAL B 147 7.97 -6.84 -12.47
N ASP B 148 8.88 -7.61 -13.04
CA ASP B 148 10.14 -7.96 -12.38
C ASP B 148 11.26 -7.03 -12.84
N ALA B 149 12.48 -7.29 -12.38
CA ALA B 149 13.64 -6.47 -12.77
C ALA B 149 13.87 -6.55 -14.28
N VAL B 150 13.66 -7.75 -14.82
CA VAL B 150 13.77 -7.99 -16.26
C VAL B 150 12.78 -7.10 -16.98
N LEU B 151 11.56 -7.07 -16.46
CA LEU B 151 10.48 -6.26 -16.99
C LEU B 151 10.63 -4.80 -16.59
N LYS B 152 11.40 -4.54 -15.53
CA LYS B 152 11.56 -3.19 -15.01
C LYS B 152 12.32 -2.31 -16.00
N ALA B 153 13.26 -2.92 -16.73
CA ALA B 153 14.01 -2.22 -17.78
C ALA B 153 13.07 -1.35 -18.63
N SER B 154 13.38 -0.05 -18.70
CA SER B 154 12.52 0.90 -19.42
C SER B 154 12.06 0.44 -20.82
N ARG B 155 12.91 -0.33 -21.52
CA ARG B 155 12.60 -0.81 -22.87
C ARG B 155 11.40 -1.76 -22.90
N ASN B 156 11.32 -2.64 -21.90
CA ASN B 156 10.26 -3.62 -21.81
C ASN B 156 8.89 -3.02 -21.52
N ILE B 157 8.87 -1.96 -20.71
CA ILE B 157 7.64 -1.28 -20.37
C ILE B 157 7.05 -0.69 -21.63
N ASP B 158 7.92 -0.32 -22.57
CA ASP B 158 7.49 0.16 -23.86
C ASP B 158 6.82 -0.96 -24.66
N THR B 159 7.54 -2.06 -24.84
CA THR B 159 7.00 -3.20 -25.55
C THR B 159 5.61 -3.60 -25.02
N LEU B 160 5.41 -3.55 -23.70
CA LEU B 160 4.13 -3.91 -23.11
C LEU B 160 3.05 -2.98 -23.60
N LEU B 161 3.35 -1.69 -23.59
CA LEU B 161 2.41 -0.69 -24.05
C LEU B 161 2.08 -0.94 -25.51
N MET B 162 3.11 -1.12 -26.33
CA MET B 162 2.88 -1.40 -27.74
C MET B 162 2.01 -2.66 -27.90
N MET B 163 2.29 -3.66 -27.08
CA MET B 163 1.57 -4.91 -27.17
C MET B 163 0.04 -4.75 -27.07
N VAL B 164 -0.41 -3.67 -26.42
CA VAL B 164 -1.84 -3.42 -26.31
C VAL B 164 -2.30 -2.34 -27.29
N GLY B 165 -1.57 -2.21 -28.39
CA GLY B 165 -1.98 -1.31 -29.45
C GLY B 165 -1.57 0.17 -29.33
N ILE B 166 -0.63 0.50 -28.44
CA ILE B 166 -0.14 1.88 -28.36
C ILE B 166 1.11 2.11 -29.20
N PRO B 167 1.00 2.91 -30.26
CA PRO B 167 2.10 3.20 -31.18
C PRO B 167 3.27 3.92 -30.52
N GLU B 168 4.50 3.49 -30.79
CA GLU B 168 5.69 4.18 -30.28
C GLU B 168 5.63 5.71 -30.35
N GLU B 169 5.14 6.24 -31.45
CA GLU B 169 5.14 7.68 -31.66
C GLU B 169 4.26 8.37 -30.62
N ILE B 170 3.35 7.60 -30.03
CA ILE B 170 2.43 8.16 -29.07
C ILE B 170 3.02 8.05 -27.69
N ILE B 171 3.70 6.94 -27.46
CA ILE B 171 4.55 6.82 -26.30
C ILE B 171 5.59 7.97 -26.24
N ARG B 172 6.27 8.27 -27.35
CA ARG B 172 7.24 9.36 -27.37
C ARG B 172 6.60 10.67 -26.99
N LYS B 173 5.41 10.91 -27.52
CA LYS B 173 4.75 12.20 -27.36
C LYS B 173 4.26 12.38 -25.93
N ALA B 174 3.79 11.29 -25.32
CA ALA B 174 3.45 11.29 -23.91
C ALA B 174 4.71 11.52 -23.07
N PHE B 175 5.80 10.88 -23.47
CA PHE B 175 7.01 10.97 -22.70
C PHE B 175 7.54 12.41 -22.69
N SER B 176 7.60 13.03 -23.86
CA SER B 176 8.12 14.39 -23.94
C SER B 176 7.21 15.32 -23.15
N THR B 177 5.92 15.03 -23.18
CA THR B 177 4.94 15.90 -22.56
C THR B 177 5.15 15.90 -21.06
N ILE B 178 5.40 14.70 -20.52
CA ILE B 178 5.58 14.50 -19.09
C ILE B 178 6.88 15.16 -18.65
N LYS B 179 7.89 15.03 -19.50
CA LYS B 179 9.17 15.66 -19.28
C LYS B 179 9.03 17.18 -19.08
N GLN B 180 7.97 17.77 -19.64
CA GLN B 180 7.72 19.20 -19.51
C GLN B 180 6.87 19.58 -18.29
N GLY B 181 6.57 18.61 -17.43
CA GLY B 181 5.67 18.82 -16.31
C GLY B 181 4.20 18.96 -16.68
N LYS B 182 3.80 18.46 -17.84
CA LYS B 182 2.41 18.55 -18.27
C LYS B 182 1.74 17.19 -18.21
N ILE B 183 0.41 17.15 -18.15
CA ILE B 183 -0.32 15.88 -18.29
C ILE B 183 -0.64 15.60 -19.75
N TYR B 184 -0.26 14.42 -20.24
CA TYR B 184 -0.61 14.01 -21.59
C TYR B 184 -2.07 13.56 -21.68
N GLU B 185 -2.80 14.13 -22.64
CA GLU B 185 -4.14 13.65 -22.92
C GLU B 185 -4.05 12.69 -24.09
N ARG B 186 -4.36 11.42 -23.83
CA ARG B 186 -4.25 10.45 -24.88
C ARG B 186 -5.36 10.69 -25.90
N PRO B 187 -5.08 10.32 -27.16
CA PRO B 187 -6.08 10.39 -28.24
C PRO B 187 -7.31 9.54 -27.93
N LYS B 188 -8.45 10.20 -27.80
CA LYS B 188 -9.70 9.53 -27.44
C LYS B 188 -10.11 8.47 -28.43
N ASN B 189 -9.58 8.53 -29.65
CA ASN B 189 -9.94 7.57 -30.68
C ASN B 189 -9.03 6.36 -30.75
N LEU B 190 -8.26 6.10 -29.71
CA LEU B 190 -7.22 5.10 -29.82
C LEU B 190 -7.69 3.68 -29.50
N LYS B 191 -8.35 3.50 -28.36
CA LYS B 191 -8.94 2.19 -28.01
C LYS B 191 -7.91 1.07 -27.86
N PRO B 192 -6.93 1.25 -26.96
CA PRO B 192 -5.92 0.21 -26.75
C PRO B 192 -6.52 -1.01 -26.05
N GLY B 193 -5.73 -2.08 -25.99
CA GLY B 193 -6.14 -3.28 -25.27
C GLY B 193 -6.14 -3.13 -23.76
N ILE B 194 -6.43 -4.24 -23.09
CA ILE B 194 -6.43 -4.31 -21.64
C ILE B 194 -5.09 -4.83 -21.17
N LEU B 195 -4.42 -4.01 -20.36
CA LEU B 195 -3.23 -4.47 -19.64
C LEU B 195 -3.61 -4.70 -18.19
N VAL B 196 -3.32 -5.89 -17.71
CA VAL B 196 -3.54 -6.23 -16.33
C VAL B 196 -2.23 -6.67 -15.70
N VAL B 197 -1.91 -6.03 -14.60
CA VAL B 197 -0.71 -6.35 -13.84
C VAL B 197 -1.12 -6.86 -12.47
N SER B 198 -0.68 -8.06 -12.13
CA SER B 198 -1.16 -8.71 -10.92
C SER B 198 -0.23 -8.54 -9.71
N SER B 199 1.04 -8.23 -9.95
CA SER B 199 2.01 -7.93 -8.88
C SER B 199 3.25 -7.28 -9.48
N ALA B 200 4.02 -6.58 -8.64
CA ALA B 200 5.25 -5.94 -9.10
C ALA B 200 6.40 -6.17 -8.13
N THR B 201 7.13 -7.26 -8.33
CA THR B 201 8.35 -7.52 -7.58
C THR B 201 9.27 -6.32 -7.71
N ALA B 202 9.28 -5.71 -8.89
CA ALA B 202 10.12 -4.53 -9.11
C ALA B 202 9.29 -3.28 -9.42
N LYS B 203 9.45 -2.26 -8.59
CA LYS B 203 8.74 -0.99 -8.77
C LYS B 203 9.42 -0.11 -9.82
N PRO B 204 8.79 0.04 -11.00
CA PRO B 204 9.26 0.93 -12.06
C PRO B 204 9.48 2.35 -11.55
N ARG B 205 10.51 2.99 -12.08
CA ARG B 205 10.93 4.29 -11.58
C ARG B 205 11.07 5.31 -12.69
N GLY B 206 11.32 6.55 -12.30
CA GLY B 206 11.45 7.64 -13.25
C GLY B 206 10.09 8.03 -13.75
N ILE B 207 10.01 8.33 -15.03
CA ILE B 207 8.79 8.79 -15.64
C ILE B 207 7.91 7.63 -16.12
N ARG B 208 8.54 6.51 -16.49
CA ARG B 208 7.82 5.36 -17.07
C ARG B 208 6.47 5.02 -16.43
N PRO B 209 6.41 4.87 -15.09
CA PRO B 209 5.13 4.59 -14.44
C PRO B 209 4.01 5.58 -14.78
N LEU B 210 4.33 6.84 -15.00
CA LEU B 210 3.31 7.84 -15.36
C LEU B 210 2.71 7.61 -16.75
N LEU B 211 3.50 7.01 -17.64
CA LEU B 211 3.00 6.60 -18.95
C LEU B 211 1.76 5.72 -18.82
N PHE B 212 1.80 4.79 -17.88
CA PHE B 212 0.64 4.00 -17.52
C PHE B 212 -0.56 4.88 -17.15
N ARG B 213 -0.34 5.81 -16.21
CA ARG B 213 -1.36 6.79 -15.86
C ARG B 213 -1.97 7.50 -17.09
N ASP B 214 -1.12 8.02 -17.98
CA ASP B 214 -1.62 8.87 -19.05
C ASP B 214 -2.13 8.13 -20.28
N LEU B 215 -1.48 7.02 -20.59
CA LEU B 215 -1.85 6.21 -21.73
C LEU B 215 -2.88 5.13 -21.41
N LEU B 216 -2.92 4.66 -20.16
CA LEU B 216 -3.84 3.56 -19.80
C LEU B 216 -4.68 3.76 -18.54
N ASN B 217 -4.67 4.97 -17.99
CA ASN B 217 -5.46 5.30 -16.81
C ASN B 217 -5.42 4.30 -15.65
N PHE B 218 -4.22 3.84 -15.31
CA PHE B 218 -4.02 3.11 -14.07
C PHE B 218 -2.55 3.27 -13.69
N THR B 219 -2.22 2.94 -12.45
CA THR B 219 -0.86 3.00 -11.96
C THR B 219 -0.50 1.69 -11.29
N VAL B 220 0.78 1.41 -11.21
CA VAL B 220 1.28 0.19 -10.60
C VAL B 220 1.76 0.44 -9.18
N GLY B 221 1.50 1.63 -8.68
CA GLY B 221 2.01 2.05 -7.39
C GLY B 221 1.54 1.13 -6.28
N ARG B 222 0.33 0.64 -6.42
CA ARG B 222 -0.30 -0.23 -5.43
C ARG B 222 0.40 -1.58 -5.16
N LEU B 223 0.97 -2.20 -6.17
CA LEU B 223 1.51 -3.55 -6.01
C LEU B 223 2.89 -3.51 -5.37
N VAL B 224 3.32 -2.31 -5.01
CA VAL B 224 4.57 -2.07 -4.31
C VAL B 224 4.28 -1.39 -2.97
N SER B 225 4.75 -2.00 -1.89
CA SER B 225 4.47 -1.53 -0.54
C SER B 225 5.25 -0.26 -0.15
N VAL B 226 4.85 0.31 0.98
CA VAL B 226 5.43 1.54 1.49
C VAL B 226 6.89 1.36 1.89
N ALA B 227 7.76 2.18 1.28
CA ALA B 227 9.16 2.22 1.66
C ALA B 227 9.55 3.67 1.94
N ARG B 228 9.61 4.02 3.22
CA ARG B 228 9.76 5.40 3.67
C ARG B 228 10.57 5.57 4.97
N ASN B 229 11.49 6.53 4.95
CA ASN B 229 12.29 6.93 6.11
C ASN B 229 12.36 8.46 6.19
N ILE B 230 11.36 9.03 6.84
CA ILE B 230 11.19 10.47 6.82
C ILE B 230 10.99 11.07 8.19
N THR B 231 11.65 12.20 8.46
CA THR B 231 11.29 12.88 9.67
C THR B 231 10.50 14.13 9.39
N HIS B 232 9.30 14.20 10.00
CA HIS B 232 8.38 15.31 9.80
C HIS B 232 8.52 16.23 10.99
N VAL B 233 8.77 17.51 10.71
CA VAL B 233 8.99 18.53 11.73
C VAL B 233 8.12 19.75 11.45
N ARG B 234 7.47 20.26 12.49
CA ARG B 234 6.63 21.44 12.39
C ARG B 234 7.28 22.66 13.06
N ILE B 235 7.28 23.75 12.31
CA ILE B 235 7.72 25.02 12.81
C ILE B 235 6.48 25.87 12.82
N SER B 236 6.00 26.17 14.02
CA SER B 236 4.73 26.85 14.20
C SER B 236 4.80 28.33 13.85
N SER B 237 5.17 28.62 12.60
CA SER B 237 5.17 29.99 12.11
C SER B 237 5.30 30.06 10.60
N ARG B 238 5.15 31.28 10.08
CA ARG B 238 5.33 31.53 8.66
C ARG B 238 6.32 32.68 8.52
N SER B 239 7.36 32.64 9.36
CA SER B 239 8.45 33.63 9.32
C SER B 239 9.48 33.27 8.25
N LYS B 240 9.70 34.21 7.34
CA LYS B 240 10.67 33.99 6.28
C LYS B 240 12.10 33.86 6.82
N GLU B 241 12.36 34.47 7.96
CA GLU B 241 13.67 34.36 8.57
C GLU B 241 13.96 32.95 9.05
N LYS B 242 13.02 32.34 9.75
CA LYS B 242 13.23 30.96 10.17
C LYS B 242 13.42 30.09 8.94
N LEU B 243 12.69 30.45 7.88
CA LEU B 243 12.85 29.71 6.63
C LEU B 243 14.31 29.87 6.17
N VAL B 244 14.77 31.12 6.07
CA VAL B 244 16.17 31.39 5.76
C VAL B 244 17.13 30.58 6.65
N GLU B 245 16.89 30.58 7.94
CA GLU B 245 17.75 29.76 8.81
C GLU B 245 17.84 28.28 8.36
N LEU B 246 16.70 27.66 8.02
CA LEU B 246 16.70 26.26 7.60
C LEU B 246 17.46 26.06 6.31
N LEU B 247 17.16 26.91 5.33
CA LEU B 247 17.89 26.93 4.07
C LEU B 247 19.39 26.96 4.34
N GLU B 248 19.81 27.73 5.36
CA GLU B 248 21.24 27.90 5.57
C GLU B 248 21.89 26.60 5.97
N ILE B 249 21.22 25.83 6.83
CA ILE B 249 21.78 24.55 7.27
C ILE B 249 21.54 23.41 6.28
N PHE B 250 20.40 23.45 5.58
CA PHE B 250 20.10 22.40 4.62
C PHE B 250 20.94 22.61 3.39
N ARG B 251 20.99 23.84 2.92
CA ARG B 251 21.88 24.22 1.83
C ARG B 251 21.47 23.79 0.43
N ASP B 252 21.25 22.50 0.21
CA ASP B 252 21.02 22.03 -1.16
C ASP B 252 20.01 20.89 -1.30
N GLY B 253 19.34 20.83 -2.44
CA GLY B 253 18.48 19.69 -2.69
C GLY B 253 17.21 19.88 -1.89
N ILE B 254 16.64 21.07 -2.05
CA ILE B 254 15.51 21.50 -1.28
C ILE B 254 14.35 21.79 -2.21
N LEU B 255 13.19 21.21 -1.91
CA LEU B 255 11.93 21.58 -2.54
C LEU B 255 11.05 22.35 -1.56
N ILE B 256 10.54 23.51 -1.99
CA ILE B 256 9.55 24.26 -1.22
C ILE B 256 8.18 24.28 -1.92
N PHE B 257 7.15 23.86 -1.22
CA PHE B 257 5.79 23.83 -1.78
C PHE B 257 4.91 24.93 -1.17
N ALA B 258 4.60 25.94 -1.97
CA ALA B 258 3.69 26.99 -1.55
C ALA B 258 2.23 26.61 -1.82
N GLN B 259 1.34 27.11 -0.99
CA GLN B 259 -0.06 26.85 -1.14
C GLN B 259 -0.62 27.41 -2.47
N THR B 260 -0.22 28.62 -2.85
CA THR B 260 -0.67 29.16 -4.12
C THR B 260 0.51 29.63 -4.95
N GLU B 261 0.27 29.85 -6.24
CA GLU B 261 1.32 30.33 -7.13
C GLU B 261 1.75 31.78 -6.84
N GLU B 262 0.83 32.61 -6.38
CA GLU B 262 1.17 33.97 -5.97
C GLU B 262 2.10 33.89 -4.78
N GLU B 263 1.76 33.01 -3.83
CA GLU B 263 2.57 32.83 -2.64
C GLU B 263 3.93 32.22 -2.99
N GLY B 264 3.91 31.28 -3.92
CA GLY B 264 5.14 30.75 -4.47
C GLY B 264 5.99 31.90 -4.98
N LYS B 265 5.36 32.80 -5.75
CA LYS B 265 6.09 33.93 -6.32
C LYS B 265 6.68 34.88 -5.26
N GLU B 266 6.03 34.95 -4.11
CA GLU B 266 6.45 35.86 -3.06
C GLU B 266 7.72 35.32 -2.39
N LEU B 267 7.66 34.04 -2.03
CA LEU B 267 8.85 33.33 -1.56
C LEU B 267 9.97 33.48 -2.57
N TYR B 268 9.66 33.18 -3.83
CA TYR B 268 10.66 33.24 -4.89
C TYR B 268 11.42 34.56 -4.94
N GLU B 269 10.70 35.67 -5.01
CA GLU B 269 11.34 36.98 -5.08
C GLU B 269 12.12 37.33 -3.81
N TYR B 270 11.68 36.79 -2.67
CA TYR B 270 12.30 37.11 -1.39
C TYR B 270 13.61 36.38 -1.19
N LEU B 271 13.66 35.12 -1.62
CA LEU B 271 14.87 34.31 -1.52
C LEU B 271 15.85 34.72 -2.61
N LYS B 272 15.31 35.11 -3.76
CA LYS B 272 16.09 35.61 -4.87
C LYS B 272 16.71 36.95 -4.45
N ARG B 273 16.05 37.63 -3.51
CA ARG B 273 16.56 38.90 -3.02
C ARG B 273 17.73 38.70 -2.07
N PHE B 274 17.69 37.61 -1.31
CA PHE B 274 18.77 37.26 -0.38
C PHE B 274 19.81 36.35 -1.03
N LYS B 275 19.80 36.36 -2.37
CA LYS B 275 20.85 35.71 -3.14
C LYS B 275 20.95 34.20 -3.01
N PHE B 276 19.87 33.55 -2.58
CA PHE B 276 19.82 32.11 -2.66
C PHE B 276 19.71 31.70 -4.12
N ASN B 277 20.19 30.50 -4.42
CA ASN B 277 20.09 29.93 -5.74
C ASN B 277 18.77 29.16 -5.92
N VAL B 278 17.70 29.92 -6.16
CA VAL B 278 16.37 29.39 -6.26
C VAL B 278 15.86 29.24 -7.69
N GLY B 279 15.03 28.24 -7.92
CA GLY B 279 14.29 28.11 -9.17
C GLY B 279 12.81 27.97 -8.86
N GLU B 280 11.98 28.10 -9.88
CA GLU B 280 10.56 27.84 -9.66
C GLU B 280 10.04 26.89 -10.75
N THR B 281 8.82 26.40 -10.57
CA THR B 281 8.24 25.43 -11.49
C THR B 281 7.21 26.01 -12.44
N TRP B 282 6.58 27.11 -12.06
CA TRP B 282 5.50 27.65 -12.91
C TRP B 282 6.00 28.16 -14.25
N SER B 283 7.02 28.99 -14.24
CA SER B 283 7.46 29.65 -15.47
C SER B 283 8.08 28.69 -16.49
N GLU B 284 9.18 28.03 -16.15
CA GLU B 284 9.83 27.17 -17.13
C GLU B 284 10.27 25.82 -16.57
N PHE B 285 9.28 24.99 -16.26
CA PHE B 285 9.52 23.77 -15.48
C PHE B 285 10.66 22.89 -15.99
N GLU B 286 10.77 22.74 -17.30
CA GLU B 286 11.74 21.80 -17.79
C GLU B 286 13.17 22.32 -17.58
N LYS B 287 13.37 23.62 -17.77
CA LYS B 287 14.71 24.20 -17.60
C LYS B 287 15.06 24.28 -16.14
N ASN B 288 14.10 24.77 -15.35
CA ASN B 288 14.29 24.85 -13.92
C ASN B 288 14.56 23.48 -13.29
N PHE B 289 13.75 22.48 -13.66
CA PHE B 289 13.96 21.14 -13.11
C PHE B 289 15.33 20.54 -13.48
N GLU B 290 15.69 20.56 -14.76
CA GLU B 290 17.01 20.06 -15.13
C GLU B 290 18.09 20.79 -14.34
N ASP B 291 17.94 22.10 -14.19
CA ASP B 291 18.91 22.88 -13.41
C ASP B 291 19.01 22.39 -11.97
N PHE B 292 17.86 22.02 -11.38
CA PHE B 292 17.88 21.46 -10.04
C PHE B 292 18.63 20.13 -10.05
N LYS B 293 18.27 19.28 -11.01
CA LYS B 293 18.88 17.97 -11.19
C LYS B 293 20.40 18.06 -11.18
N VAL B 294 20.93 18.81 -12.14
CA VAL B 294 22.37 18.94 -12.30
C VAL B 294 23.05 19.61 -11.10
N GLY B 295 22.35 20.50 -10.42
CA GLY B 295 22.91 21.22 -9.29
C GLY B 295 23.18 22.70 -9.53
N LYS B 296 22.83 23.18 -10.71
CA LYS B 296 22.98 24.61 -10.94
C LYS B 296 22.11 25.40 -9.95
N ILE B 297 21.00 24.82 -9.48
CA ILE B 297 20.24 25.48 -8.40
C ILE B 297 20.03 24.58 -7.17
N ASN B 298 19.83 25.19 -6.01
CA ASN B 298 19.83 24.42 -4.77
C ASN B 298 18.42 24.20 -4.29
N ILE B 299 17.57 25.12 -4.68
CA ILE B 299 16.26 25.20 -4.11
C ILE B 299 15.29 25.38 -5.26
N LEU B 300 14.21 24.64 -5.17
CA LEU B 300 13.22 24.58 -6.22
C LEU B 300 11.87 24.82 -5.53
N ILE B 301 11.26 25.96 -5.86
CA ILE B 301 9.91 26.21 -5.38
C ILE B 301 8.85 25.71 -6.38
N GLY B 302 7.74 25.22 -5.83
CA GLY B 302 6.58 24.86 -6.63
C GLY B 302 5.25 25.09 -5.90
N VAL B 303 4.16 24.61 -6.49
CA VAL B 303 2.84 24.73 -5.85
C VAL B 303 2.25 23.40 -5.42
N GLN B 304 1.68 23.36 -4.22
CA GLN B 304 0.92 22.19 -3.73
C GLN B 304 -0.31 21.89 -4.60
N ALA B 305 -0.33 20.72 -5.20
CA ALA B 305 -1.51 20.23 -5.94
C ALA B 305 -1.34 18.75 -6.20
N TYR B 306 -2.44 18.02 -6.33
CA TYR B 306 -2.34 16.56 -6.50
C TYR B 306 -1.75 16.20 -7.86
N TYR B 307 -1.97 17.09 -8.82
CA TYR B 307 -1.46 16.93 -10.20
C TYR B 307 -0.11 17.62 -10.37
N GLY B 308 0.41 18.18 -9.27
CA GLY B 308 1.57 19.03 -9.30
C GLY B 308 2.74 18.55 -10.14
N LYS B 309 3.34 19.46 -10.90
CA LYS B 309 4.51 19.12 -11.67
C LYS B 309 5.53 18.40 -10.79
N LEU B 310 5.87 19.01 -9.66
CA LEU B 310 6.83 18.43 -8.71
C LEU B 310 6.33 17.24 -7.88
N THR B 311 5.05 17.28 -7.50
CA THR B 311 4.49 16.26 -6.61
C THR B 311 4.27 14.96 -7.36
N ARG B 312 3.94 15.08 -8.65
CA ARG B 312 3.42 13.97 -9.44
C ARG B 312 4.51 13.22 -10.22
N GLY B 313 5.29 13.97 -11.00
CA GLY B 313 6.10 13.35 -12.02
C GLY B 313 7.59 13.42 -11.80
N VAL B 314 8.01 13.18 -10.57
CA VAL B 314 9.42 13.32 -10.24
C VAL B 314 9.96 12.15 -9.43
N ASP B 315 11.12 11.67 -9.85
CA ASP B 315 11.82 10.66 -9.08
C ASP B 315 13.31 10.99 -9.05
N LEU B 316 13.73 11.65 -7.98
CA LEU B 316 15.12 12.00 -7.80
C LEU B 316 15.46 12.15 -6.32
N PRO B 317 15.40 11.08 -5.57
CA PRO B 317 15.73 11.15 -4.14
C PRO B 317 17.22 11.39 -3.89
N GLU B 318 18.05 11.10 -4.88
CA GLU B 318 19.48 11.33 -4.75
C GLU B 318 19.66 12.82 -4.56
N ARG B 319 18.82 13.56 -5.28
CA ARG B 319 18.97 14.98 -5.40
C ARG B 319 17.96 15.71 -4.49
N ILE B 320 16.79 15.12 -4.26
CA ILE B 320 15.78 15.70 -3.37
C ILE B 320 15.94 15.21 -1.94
N LYS B 321 16.31 16.09 -1.04
CA LYS B 321 16.66 15.68 0.29
C LYS B 321 15.72 16.23 1.32
N TYR B 322 15.24 17.44 1.05
CA TYR B 322 14.47 18.21 2.03
C TYR B 322 13.24 18.77 1.37
N VAL B 323 12.09 18.54 2.00
CA VAL B 323 10.81 19.06 1.52
C VAL B 323 10.22 20.02 2.55
N ILE B 324 9.87 21.23 2.09
CA ILE B 324 9.33 22.25 3.01
C ILE B 324 7.94 22.71 2.62
N PHE B 325 7.01 22.66 3.56
CA PHE B 325 5.66 23.06 3.24
C PHE B 325 5.39 24.44 3.77
N TRP B 326 5.20 25.36 2.85
CA TRP B 326 4.88 26.71 3.27
C TRP B 326 3.36 26.78 3.50
N GLY B 327 2.95 26.23 4.65
CA GLY B 327 1.54 26.03 4.97
C GLY B 327 1.19 24.59 4.60
N THR B 328 0.30 23.97 5.37
CA THR B 328 -0.11 22.60 5.05
C THR B 328 -1.03 22.63 3.83
N PRO B 329 -0.86 21.67 2.92
CA PRO B 329 -1.79 21.48 1.81
C PRO B 329 -3.23 21.50 2.32
N SER B 330 -4.07 22.38 1.80
CA SER B 330 -5.41 22.52 2.35
C SER B 330 -6.18 21.21 2.33
N GLY B 331 -6.85 20.94 3.44
CA GLY B 331 -7.63 19.73 3.59
C GLY B 331 -7.88 19.43 5.05
N PRO B 332 -6.83 19.12 5.80
CA PRO B 332 -5.48 19.01 5.24
C PRO B 332 -5.42 17.86 4.25
N ASP B 333 -4.77 18.09 3.11
CA ASP B 333 -4.70 17.08 2.08
C ASP B 333 -3.55 16.14 2.37
N VAL B 334 -3.79 15.23 3.31
CA VAL B 334 -2.80 14.26 3.75
C VAL B 334 -2.18 13.51 2.62
N TYR B 335 -2.98 13.22 1.62
CA TYR B 335 -2.53 12.37 0.53
C TYR B 335 -1.46 13.09 -0.26
N THR B 336 -1.69 14.38 -0.51
CA THR B 336 -0.74 15.19 -1.27
C THR B 336 0.49 15.41 -0.42
N TYR B 337 0.27 15.60 0.87
CA TYR B 337 1.39 15.74 1.78
C TYR B 337 2.25 14.46 1.80
N ILE B 338 1.61 13.31 1.93
CA ILE B 338 2.31 12.04 1.93
C ILE B 338 3.13 11.87 0.66
N GLN B 339 2.53 12.21 -0.47
CA GLN B 339 3.20 12.05 -1.75
C GLN B 339 4.37 13.02 -1.95
N ALA B 340 4.20 14.28 -1.57
CA ALA B 340 5.26 15.27 -1.71
C ALA B 340 6.43 14.97 -0.77
N SER B 341 6.15 14.82 0.53
CA SER B 341 7.16 14.35 1.47
C SER B 341 7.93 13.11 0.96
N GLY B 342 7.26 12.22 0.25
CA GLY B 342 7.88 10.99 -0.17
C GLY B 342 8.90 11.16 -1.29
N ARG B 343 8.91 12.32 -1.93
CA ARG B 343 9.95 12.62 -2.93
C ARG B 343 11.40 12.63 -2.36
N SER B 344 11.54 12.69 -1.03
CA SER B 344 12.86 12.72 -0.39
C SER B 344 13.35 11.34 0.12
N SER B 345 12.45 10.38 0.25
CA SER B 345 12.82 9.11 0.84
C SER B 345 12.27 7.93 0.02
N ARG B 346 13.15 6.99 -0.27
CA ARG B 346 12.84 5.87 -1.12
C ARG B 346 13.90 4.82 -0.91
N ILE B 347 13.69 3.61 -1.42
CA ILE B 347 14.80 2.68 -1.48
C ILE B 347 15.59 2.95 -2.76
N LEU B 348 16.89 3.15 -2.61
CA LEU B 348 17.75 3.45 -3.72
C LEU B 348 18.92 2.50 -3.61
N ASN B 349 19.20 1.76 -4.68
CA ASN B 349 20.25 0.76 -4.63
C ASN B 349 20.13 -0.10 -3.38
N GLY B 350 18.91 -0.52 -3.08
CA GLY B 350 18.64 -1.36 -1.92
C GLY B 350 18.84 -0.65 -0.59
N VAL B 351 18.84 0.67 -0.62
CA VAL B 351 18.99 1.49 0.58
C VAL B 351 17.80 2.44 0.81
N LEU B 352 17.33 2.47 2.04
CA LEU B 352 16.21 3.33 2.39
C LEU B 352 16.76 4.66 2.88
N VAL B 353 16.95 5.52 1.90
CA VAL B 353 17.47 6.85 2.05
C VAL B 353 16.63 7.70 3.00
N LYS B 354 17.28 8.64 3.70
CA LYS B 354 16.58 9.53 4.62
C LYS B 354 16.08 10.76 3.94
N GLY B 355 14.89 11.19 4.36
CA GLY B 355 14.34 12.45 3.93
C GLY B 355 13.77 13.20 5.12
N VAL B 356 13.66 14.51 4.95
CA VAL B 356 13.23 15.40 6.02
C VAL B 356 12.13 16.29 5.49
N SER B 357 11.03 16.36 6.21
CA SER B 357 9.92 17.16 5.75
C SER B 357 9.60 18.11 6.86
N VAL B 358 9.51 19.39 6.49
CA VAL B 358 9.29 20.46 7.44
C VAL B 358 8.06 21.25 7.03
N ILE B 359 7.18 21.48 7.98
CA ILE B 359 5.93 22.16 7.73
C ILE B 359 5.89 23.43 8.51
N PHE B 360 5.71 24.53 7.80
CA PHE B 360 5.49 25.79 8.46
C PHE B 360 3.98 26.03 8.63
N GLU B 361 3.48 25.86 9.85
CA GLU B 361 2.04 26.01 10.11
C GLU B 361 1.72 26.73 11.44
N GLU B 362 1.08 27.90 11.37
CA GLU B 362 0.66 28.63 12.58
C GLU B 362 -0.69 28.16 13.20
N ASP B 363 -1.52 27.52 12.39
CA ASP B 363 -2.88 27.11 12.76
C ASP B 363 -2.86 25.79 13.50
N GLU B 364 -3.09 25.82 14.81
CA GLU B 364 -3.04 24.61 15.63
C GLU B 364 -4.03 23.55 15.17
N GLU B 365 -5.19 24.01 14.73
CA GLU B 365 -6.28 23.12 14.37
C GLU B 365 -5.94 22.31 13.13
N ILE B 366 -5.51 23.01 12.09
CA ILE B 366 -5.12 22.35 10.86
C ILE B 366 -3.99 21.37 11.12
N PHE B 367 -3.04 21.77 11.94
CA PHE B 367 -1.87 20.94 12.21
C PHE B 367 -2.31 19.63 12.90
N GLU B 368 -3.21 19.78 13.88
CA GLU B 368 -3.79 18.64 14.60
C GLU B 368 -4.48 17.66 13.68
N SER B 369 -5.28 18.18 12.76
CA SER B 369 -5.94 17.29 11.83
C SER B 369 -4.95 16.66 10.85
N LEU B 370 -3.94 17.43 10.40
CA LEU B 370 -2.89 16.82 9.56
C LEU B 370 -2.17 15.72 10.32
N LYS B 371 -1.79 16.03 11.55
CA LYS B 371 -1.14 15.08 12.44
C LYS B 371 -1.98 13.84 12.61
N THR B 372 -3.26 13.99 12.93
CA THR B 372 -4.07 12.78 13.20
C THR B 372 -4.32 11.98 11.91
N ARG B 373 -4.50 12.69 10.81
CA ARG B 373 -4.64 12.03 9.51
C ARG B 373 -3.40 11.23 9.10
N LEU B 374 -2.20 11.84 9.23
CA LEU B 374 -0.93 11.20 8.86
C LEU B 374 -0.64 9.93 9.64
N LEU B 375 -0.89 9.97 10.93
CA LEU B 375 -0.78 8.79 11.79
C LEU B 375 -1.67 7.68 11.28
N LEU B 376 -2.93 8.04 10.98
CA LEU B 376 -3.91 7.09 10.48
C LEU B 376 -3.48 6.40 9.19
N ILE B 377 -3.20 7.21 8.19
CA ILE B 377 -2.92 6.69 6.86
C ILE B 377 -1.50 6.15 6.68
N ALA B 378 -0.51 6.79 7.30
CA ALA B 378 0.87 6.44 7.03
C ALA B 378 1.58 5.89 8.25
N GLU B 379 0.92 5.96 9.41
CA GLU B 379 1.54 5.61 10.67
C GLU B 379 2.83 6.42 10.94
N GLU B 380 2.85 7.69 10.52
CA GLU B 380 4.02 8.54 10.68
C GLU B 380 3.73 9.70 11.62
N GLU B 381 4.70 10.06 12.44
CA GLU B 381 4.47 11.13 13.41
C GLU B 381 5.05 12.45 12.96
N ILE B 382 4.64 13.54 13.59
CA ILE B 382 5.27 14.81 13.33
C ILE B 382 5.76 15.38 14.65
N ILE B 383 7.01 15.83 14.66
CA ILE B 383 7.56 16.36 15.89
C ILE B 383 7.69 17.87 15.85
N GLU B 384 7.78 18.47 17.03
CA GLU B 384 7.93 19.91 17.12
C GLU B 384 9.38 20.33 16.84
N GLU B 385 9.54 21.54 16.34
CA GLU B 385 10.86 22.14 16.11
C GLU B 385 11.86 21.82 17.25
N ALA B 386 11.46 22.07 18.49
CA ALA B 386 12.35 21.90 19.63
C ALA B 386 12.85 20.48 19.83
N GLU B 387 12.18 19.50 19.22
CA GLU B 387 12.54 18.11 19.46
C GLU B 387 13.49 17.64 18.38
N ALA B 388 13.75 18.52 17.42
CA ALA B 388 14.54 18.12 16.26
C ALA B 388 16.06 18.34 16.44
N ASN B 389 16.85 17.36 16.02
CA ASN B 389 18.30 17.49 15.97
C ASN B 389 18.71 17.75 14.53
N TRP B 390 18.76 19.03 14.20
CA TRP B 390 18.99 19.40 12.81
C TRP B 390 20.23 18.74 12.30
N LYS B 391 21.28 18.82 13.11
CA LYS B 391 22.57 18.30 12.74
C LYS B 391 22.49 16.81 12.47
N GLU B 392 21.88 16.06 13.39
CA GLU B 392 21.70 14.61 13.23
C GLU B 392 20.89 14.21 11.97
N LEU B 393 19.80 14.93 11.72
CA LEU B 393 19.05 14.81 10.46
C LEU B 393 19.89 14.97 9.21
N VAL B 394 20.65 16.06 9.14
CA VAL B 394 21.51 16.33 8.00
C VAL B 394 22.47 15.19 7.75
N HIS B 395 22.97 14.63 8.84
CA HIS B 395 23.93 13.55 8.77
C HIS B 395 23.26 12.29 8.19
N GLU B 396 22.09 11.95 8.72
CA GLU B 396 21.31 10.83 8.15
C GLU B 396 21.12 10.99 6.63
N VAL B 397 20.61 12.15 6.20
CA VAL B 397 20.47 12.46 4.77
C VAL B 397 21.76 12.16 3.98
N GLU B 398 22.86 12.82 4.36
CA GLU B 398 24.15 12.58 3.71
C GLU B 398 24.60 11.11 3.74
N GLU B 399 24.73 10.56 4.94
CA GLU B 399 25.19 9.19 5.06
C GLU B 399 24.35 8.13 4.31
N SER B 400 23.02 8.18 4.44
CA SER B 400 22.16 7.26 3.70
C SER B 400 22.46 7.28 2.20
N ARG B 401 22.50 8.47 1.63
CA ARG B 401 22.73 8.65 0.21
C ARG B 401 24.11 8.20 -0.22
N ARG B 402 25.07 8.36 0.69
CA ARG B 402 26.44 7.91 0.44
C ARG B 402 26.48 6.38 0.35
N ARG B 403 25.78 5.72 1.26
CA ARG B 403 25.69 4.27 1.25
C ARG B 403 25.00 3.73 -0.01
N SER B 404 23.94 4.39 -0.46
CA SER B 404 23.27 3.88 -1.65
C SER B 404 24.15 4.12 -2.87
N GLU B 405 25.07 5.05 -2.76
CA GLU B 405 25.96 5.33 -3.87
C GLU B 405 27.08 4.29 -3.93
N ARG B 406 27.32 3.62 -2.81
CA ARG B 406 28.32 2.56 -2.75
C ARG B 406 27.86 1.26 -3.42
N GLU B 407 26.54 1.04 -3.44
CA GLU B 407 25.97 -0.21 -3.97
C GLU B 407 26.15 -0.34 -5.48
N LEU B 408 26.02 0.77 -6.20
CA LEU B 408 26.27 0.75 -7.64
C LEU B 408 27.73 0.48 -7.92
N THR B 409 28.60 1.19 -7.21
CA THR B 409 30.04 1.12 -7.42
C THR B 409 30.56 -0.31 -7.28
N ASP B 410 29.73 -1.18 -6.70
CA ASP B 410 30.11 -2.57 -6.48
C ASP B 410 30.44 -3.26 -7.80
MG MG C . 24.01 -10.40 11.52
PB ADP D . 24.29 -7.07 10.57
O1B ADP D . 23.41 -7.88 11.51
O2B ADP D . 23.53 -6.18 9.63
O3B ADP D . 25.40 -7.87 9.91
PA ADP D . 25.81 -6.26 12.95
O1A ADP D . 24.88 -5.91 14.09
O2A ADP D . 26.55 -7.59 12.97
O3A ADP D . 25.06 -6.01 11.54
O5' ADP D . 26.93 -5.12 12.87
C5' ADP D . 28.27 -5.46 12.49
C4' ADP D . 29.23 -4.66 13.34
O4' ADP D . 28.79 -3.30 13.41
C3' ADP D . 29.28 -5.19 14.76
O3' ADP D . 30.56 -5.73 15.05
C2' ADP D . 29.01 -3.99 15.66
O2' ADP D . 30.05 -3.85 16.64
C1' ADP D . 28.96 -2.79 14.73
N9 ADP D . 27.80 -1.94 15.08
C8 ADP D . 26.57 -2.38 15.40
N7 ADP D . 25.74 -1.34 15.68
C5 ADP D . 26.45 -0.20 15.55
C6 ADP D . 26.17 1.24 15.71
N6 ADP D . 24.93 1.65 16.07
N1 ADP D . 27.20 2.12 15.49
C2 ADP D . 28.43 1.69 15.13
N3 ADP D . 28.75 0.38 14.97
C4 ADP D . 27.82 -0.59 15.16
CL CL E . -4.74 -18.83 -9.22
#